data_2EPV
#
_entry.id   2EPV
#
loop_
_entity.id
_entity.type
_entity.pdbx_description
1 polymer 'Zinc finger protein 268'
2 non-polymer 'ZINC ION'
#
_entity_poly.entity_id   1
_entity_poly.type   'polypeptide(L)'
_entity_poly.pdbx_seq_one_letter_code
;GSSGSSGSGEKPYECNECGKAFIWKSLLIVHERTHAGVSGPSSG
;
_entity_poly.pdbx_strand_id   A
#
loop_
_chem_comp.id
_chem_comp.type
_chem_comp.name
_chem_comp.formula
ZN non-polymer 'ZINC ION' 'Zn 2'
#
# COMPACT_ATOMS: atom_id res chain seq x y z
N GLY A 1 -4.08 12.64 23.85
CA GLY A 1 -5.19 12.77 22.92
C GLY A 1 -4.73 13.07 21.51
N SER A 2 -5.35 12.42 20.54
CA SER A 2 -5.00 12.61 19.13
C SER A 2 -5.99 13.55 18.45
N SER A 3 -5.73 14.84 18.54
CA SER A 3 -6.59 15.84 17.94
C SER A 3 -6.25 16.04 16.47
N GLY A 4 -6.00 14.94 15.77
CA GLY A 4 -5.67 15.01 14.35
C GLY A 4 -6.89 15.17 13.47
N SER A 5 -7.73 14.13 13.43
CA SER A 5 -8.94 14.16 12.61
C SER A 5 -8.59 14.13 11.13
N SER A 6 -7.63 13.28 10.78
CA SER A 6 -7.21 13.15 9.39
C SER A 6 -6.61 11.77 9.13
N GLY A 7 -6.63 11.35 7.86
CA GLY A 7 -6.10 10.05 7.50
C GLY A 7 -7.02 9.28 6.59
N SER A 8 -6.59 9.04 5.36
CA SER A 8 -7.39 8.31 4.39
C SER A 8 -7.45 6.83 4.75
N GLY A 9 -8.53 6.16 4.33
CA GLY A 9 -8.68 4.75 4.60
C GLY A 9 -10.07 4.24 4.26
N GLU A 10 -10.62 4.75 3.17
CA GLU A 10 -11.95 4.34 2.73
C GLU A 10 -11.88 3.49 1.46
N LYS A 11 -10.81 2.70 1.36
CA LYS A 11 -10.61 1.83 0.20
C LYS A 11 -10.89 0.37 0.57
N PRO A 12 -11.48 -0.37 -0.38
CA PRO A 12 -11.81 -1.79 -0.18
C PRO A 12 -10.58 -2.66 -0.13
N TYR A 13 -9.45 -2.13 -0.60
CA TYR A 13 -8.19 -2.87 -0.61
C TYR A 13 -7.10 -2.09 0.10
N GLU A 14 -6.21 -2.80 0.78
CA GLU A 14 -5.11 -2.17 1.51
C GLU A 14 -3.94 -3.13 1.65
N CYS A 15 -2.85 -2.86 0.95
CA CYS A 15 -1.66 -3.70 1.01
C CYS A 15 -1.42 -4.20 2.41
N ASN A 16 -0.77 -5.36 2.52
CA ASN A 16 -0.47 -5.96 3.82
C ASN A 16 0.97 -5.71 4.22
N GLU A 17 1.85 -5.67 3.23
CA GLU A 17 3.27 -5.43 3.49
C GLU A 17 3.49 -4.07 4.15
N CYS A 18 3.09 -3.02 3.46
CA CYS A 18 3.25 -1.66 3.97
C CYS A 18 1.93 -1.15 4.56
N GLY A 19 0.85 -1.30 3.80
CA GLY A 19 -0.45 -0.86 4.27
C GLY A 19 -1.08 0.17 3.35
N LYS A 20 -0.53 0.29 2.13
CA LYS A 20 -1.04 1.24 1.16
C LYS A 20 -2.53 1.00 0.89
N ALA A 21 -3.13 1.88 0.10
CA ALA A 21 -4.55 1.76 -0.24
C ALA A 21 -4.77 1.89 -1.74
N PHE A 22 -5.75 1.18 -2.25
CA PHE A 22 -6.07 1.20 -3.68
C PHE A 22 -7.55 0.92 -3.91
N ILE A 23 -8.22 1.84 -4.61
CA ILE A 23 -9.64 1.69 -4.91
C ILE A 23 -9.90 0.41 -5.71
N TRP A 24 -8.91 0.01 -6.48
CA TRP A 24 -9.03 -1.20 -7.30
C TRP A 24 -8.14 -2.31 -6.77
N LYS A 25 -8.50 -3.56 -7.08
CA LYS A 25 -7.72 -4.71 -6.64
C LYS A 25 -6.40 -4.80 -7.38
N SER A 26 -6.47 -4.88 -8.71
CA SER A 26 -5.26 -4.98 -9.53
C SER A 26 -4.19 -4.03 -9.04
N LEU A 27 -4.55 -2.76 -8.86
CA LEU A 27 -3.61 -1.75 -8.39
C LEU A 27 -2.82 -2.27 -7.19
N LEU A 28 -3.51 -2.99 -6.31
CA LEU A 28 -2.87 -3.55 -5.12
C LEU A 28 -1.94 -4.70 -5.47
N ILE A 29 -2.37 -5.50 -6.45
CA ILE A 29 -1.58 -6.65 -6.89
C ILE A 29 -0.24 -6.20 -7.49
N VAL A 30 -0.32 -5.37 -8.52
CA VAL A 30 0.86 -4.86 -9.19
C VAL A 30 1.74 -4.07 -8.22
N HIS A 31 1.21 -3.81 -7.02
CA HIS A 31 1.94 -3.07 -6.01
C HIS A 31 2.64 -4.02 -5.03
N GLU A 32 1.86 -4.91 -4.42
CA GLU A 32 2.40 -5.87 -3.47
C GLU A 32 3.75 -6.40 -3.95
N ARG A 33 3.88 -6.58 -5.26
CA ARG A 33 5.12 -7.08 -5.85
C ARG A 33 6.31 -6.23 -5.41
N THR A 34 6.15 -4.91 -5.47
CA THR A 34 7.20 -3.99 -5.09
C THR A 34 7.97 -4.50 -3.88
N HIS A 35 7.31 -5.32 -3.06
CA HIS A 35 7.93 -5.87 -1.86
C HIS A 35 8.61 -7.20 -2.18
N ALA A 36 9.31 -7.25 -3.30
CA ALA A 36 10.01 -8.46 -3.72
C ALA A 36 11.48 -8.17 -4.04
N GLY A 37 12.30 -8.11 -3.00
CA GLY A 37 13.72 -7.83 -3.18
C GLY A 37 13.97 -6.77 -4.24
N VAL A 38 13.34 -5.61 -4.06
CA VAL A 38 13.51 -4.50 -5.01
C VAL A 38 14.83 -3.79 -4.80
N SER A 39 15.32 -3.79 -3.56
CA SER A 39 16.57 -3.14 -3.22
C SER A 39 17.37 -3.96 -2.22
N GLY A 40 18.63 -3.61 -2.03
CA GLY A 40 19.48 -4.32 -1.10
C GLY A 40 19.46 -3.72 0.29
N PRO A 41 20.39 -4.15 1.15
CA PRO A 41 20.50 -3.66 2.52
C PRO A 41 20.97 -2.22 2.59
N SER A 42 20.02 -1.29 2.59
CA SER A 42 20.34 0.14 2.65
C SER A 42 20.42 0.63 4.09
N SER A 43 21.02 -0.19 4.95
CA SER A 43 21.15 0.16 6.36
C SER A 43 22.15 -0.76 7.06
N GLY A 44 22.51 -0.42 8.29
CA GLY A 44 23.45 -1.23 9.04
C GLY A 44 24.41 -0.39 9.87
ZN ZN B . 2.76 -2.39 -0.06
N GLY A 1 3.51 6.56 21.77
CA GLY A 1 2.64 5.89 20.82
C GLY A 1 1.55 6.80 20.28
N SER A 2 0.31 6.38 20.42
CA SER A 2 -0.82 7.17 19.94
C SER A 2 -2.15 6.53 20.36
N SER A 3 -3.23 7.30 20.26
CA SER A 3 -4.55 6.82 20.63
C SER A 3 -5.43 6.61 19.39
N GLY A 4 -5.83 5.37 19.15
CA GLY A 4 -6.66 5.07 18.00
C GLY A 4 -5.90 5.10 16.70
N SER A 5 -5.36 3.96 16.30
CA SER A 5 -4.59 3.86 15.06
C SER A 5 -5.51 3.92 13.85
N SER A 6 -5.17 4.79 12.89
CA SER A 6 -5.97 4.94 11.68
C SER A 6 -5.07 5.12 10.46
N GLY A 7 -5.62 4.87 9.28
CA GLY A 7 -4.86 5.01 8.06
C GLY A 7 -5.31 6.18 7.21
N SER A 8 -5.83 5.88 6.03
CA SER A 8 -6.30 6.92 5.11
C SER A 8 -7.30 6.35 4.12
N GLY A 9 -8.42 7.04 3.95
CA GLY A 9 -9.44 6.60 3.02
C GLY A 9 -10.14 5.34 3.49
N GLU A 10 -11.21 4.97 2.80
CA GLU A 10 -11.98 3.78 3.17
C GLU A 10 -11.88 2.72 2.07
N LYS A 11 -10.81 2.79 1.28
CA LYS A 11 -10.59 1.84 0.20
C LYS A 11 -10.79 0.41 0.68
N PRO A 12 -11.37 -0.44 -0.20
CA PRO A 12 -11.62 -1.84 0.12
C PRO A 12 -10.35 -2.67 0.22
N TYR A 13 -9.41 -2.40 -0.68
CA TYR A 13 -8.14 -3.12 -0.71
C TYR A 13 -7.04 -2.28 -0.07
N GLU A 14 -6.29 -2.90 0.83
CA GLU A 14 -5.19 -2.22 1.52
C GLU A 14 -4.01 -3.16 1.74
N CYS A 15 -2.93 -2.91 1.02
CA CYS A 15 -1.73 -3.73 1.14
C CYS A 15 -1.51 -4.19 2.58
N ASN A 16 -0.87 -5.34 2.74
CA ASN A 16 -0.60 -5.88 4.07
C ASN A 16 0.84 -5.62 4.49
N GLU A 17 1.73 -5.59 3.50
CA GLU A 17 3.15 -5.36 3.76
C GLU A 17 3.37 -3.96 4.34
N CYS A 18 2.96 -2.95 3.60
CA CYS A 18 3.12 -1.56 4.04
C CYS A 18 1.81 -1.03 4.60
N GLY A 19 0.72 -1.23 3.87
CA GLY A 19 -0.58 -0.75 4.32
C GLY A 19 -1.20 0.24 3.37
N LYS A 20 -0.66 0.31 2.15
CA LYS A 20 -1.17 1.24 1.14
C LYS A 20 -2.65 0.99 0.87
N ALA A 21 -3.28 1.89 0.13
CA ALA A 21 -4.68 1.77 -0.20
C ALA A 21 -4.93 2.00 -1.68
N PHE A 22 -5.81 1.19 -2.27
CA PHE A 22 -6.13 1.30 -3.68
C PHE A 22 -7.59 0.97 -3.94
N ILE A 23 -8.28 1.87 -4.64
CA ILE A 23 -9.70 1.67 -4.96
C ILE A 23 -9.91 0.39 -5.75
N TRP A 24 -8.87 -0.03 -6.48
CA TRP A 24 -8.95 -1.25 -7.28
C TRP A 24 -7.98 -2.30 -6.76
N LYS A 25 -8.37 -3.56 -6.88
CA LYS A 25 -7.53 -4.67 -6.43
C LYS A 25 -6.27 -4.79 -7.27
N SER A 26 -6.45 -4.85 -8.59
CA SER A 26 -5.32 -4.96 -9.52
C SER A 26 -4.17 -4.07 -9.07
N LEU A 27 -4.48 -2.80 -8.80
CA LEU A 27 -3.47 -1.84 -8.37
C LEU A 27 -2.65 -2.40 -7.22
N LEU A 28 -3.32 -3.05 -6.28
CA LEU A 28 -2.65 -3.62 -5.12
C LEU A 28 -1.72 -4.76 -5.54
N ILE A 29 -2.14 -5.52 -6.56
CA ILE A 29 -1.35 -6.64 -7.05
C ILE A 29 -0.04 -6.14 -7.66
N VAL A 30 -0.13 -5.26 -8.64
CA VAL A 30 1.04 -4.71 -9.30
C VAL A 30 1.90 -3.92 -8.31
N HIS A 31 1.36 -3.68 -7.13
CA HIS A 31 2.06 -2.92 -6.10
C HIS A 31 2.82 -3.86 -5.16
N GLU A 32 2.08 -4.77 -4.54
CA GLU A 32 2.68 -5.72 -3.61
C GLU A 32 3.98 -6.29 -4.17
N ARG A 33 3.95 -6.66 -5.45
CA ARG A 33 5.12 -7.23 -6.11
C ARG A 33 6.37 -6.43 -5.76
N THR A 34 6.22 -5.11 -5.66
CA THR A 34 7.34 -4.23 -5.34
C THR A 34 8.13 -4.76 -4.14
N HIS A 35 7.41 -5.10 -3.08
CA HIS A 35 8.04 -5.61 -1.86
C HIS A 35 8.85 -6.87 -2.17
N ALA A 36 8.50 -7.55 -3.26
CA ALA A 36 9.20 -8.77 -3.66
C ALA A 36 10.43 -8.43 -4.49
N GLY A 37 11.20 -7.44 -4.04
CA GLY A 37 12.40 -7.04 -4.76
C GLY A 37 13.67 -7.41 -4.02
N VAL A 38 13.72 -7.05 -2.74
CA VAL A 38 14.88 -7.34 -1.90
C VAL A 38 14.68 -8.60 -1.08
N SER A 39 15.77 -9.22 -0.68
CA SER A 39 15.72 -10.45 0.12
C SER A 39 16.25 -10.21 1.52
N GLY A 40 17.52 -9.84 1.61
CA GLY A 40 18.14 -9.58 2.91
C GLY A 40 18.89 -10.78 3.44
N PRO A 41 20.00 -10.52 4.16
CA PRO A 41 20.84 -11.58 4.73
C PRO A 41 20.14 -12.31 5.87
N SER A 42 19.09 -11.70 6.41
CA SER A 42 18.35 -12.30 7.52
C SER A 42 18.05 -13.77 7.23
N SER A 43 17.32 -14.03 6.16
CA SER A 43 16.96 -15.39 5.78
C SER A 43 17.37 -15.68 4.34
N GLY A 44 17.99 -16.83 4.13
CA GLY A 44 18.42 -17.20 2.80
C GLY A 44 19.92 -17.44 2.72
ZN ZN B . 2.72 -2.46 -0.01
N GLY A 1 -2.77 21.00 8.90
CA GLY A 1 -2.06 19.90 9.53
C GLY A 1 -2.85 18.61 9.49
N SER A 2 -2.21 17.51 9.90
CA SER A 2 -2.86 16.21 9.92
C SER A 2 -3.74 16.03 8.69
N SER A 3 -3.21 16.45 7.53
CA SER A 3 -3.95 16.34 6.28
C SER A 3 -3.68 15.00 5.60
N GLY A 4 -4.50 14.67 4.61
CA GLY A 4 -4.33 13.42 3.89
C GLY A 4 -5.63 12.67 3.70
N SER A 5 -6.15 12.11 4.80
CA SER A 5 -7.40 11.36 4.75
C SER A 5 -8.47 12.13 3.96
N SER A 6 -9.13 11.43 3.05
CA SER A 6 -10.17 12.05 2.23
C SER A 6 -11.55 11.87 2.86
N GLY A 7 -11.88 12.79 3.77
CA GLY A 7 -13.17 12.73 4.44
C GLY A 7 -13.46 11.36 5.01
N SER A 8 -14.73 10.96 4.98
CA SER A 8 -15.14 9.66 5.50
C SER A 8 -15.00 8.58 4.43
N GLY A 9 -14.75 7.35 4.88
CA GLY A 9 -14.61 6.24 3.95
C GLY A 9 -13.16 5.82 3.78
N GLU A 10 -12.95 4.69 3.12
CA GLU A 10 -11.61 4.17 2.89
C GLU A 10 -11.59 3.18 1.73
N LYS A 11 -10.40 2.91 1.21
CA LYS A 11 -10.24 1.99 0.10
C LYS A 11 -10.55 0.56 0.54
N PRO A 12 -11.19 -0.22 -0.36
CA PRO A 12 -11.55 -1.61 -0.09
C PRO A 12 -10.33 -2.53 -0.01
N TYR A 13 -9.25 -2.12 -0.69
CA TYR A 13 -8.03 -2.91 -0.69
C TYR A 13 -6.90 -2.17 0.02
N GLU A 14 -6.24 -2.87 0.93
CA GLU A 14 -5.14 -2.28 1.70
C GLU A 14 -3.98 -3.26 1.84
N CYS A 15 -2.85 -2.92 1.24
CA CYS A 15 -1.67 -3.78 1.29
C CYS A 15 -1.44 -4.30 2.70
N ASN A 16 -0.79 -5.45 2.80
CA ASN A 16 -0.50 -6.06 4.10
C ASN A 16 0.94 -5.79 4.52
N GLU A 17 1.82 -5.64 3.54
CA GLU A 17 3.23 -5.37 3.81
C GLU A 17 3.42 -3.98 4.41
N CYS A 18 3.06 -2.96 3.64
CA CYS A 18 3.19 -1.58 4.09
C CYS A 18 1.86 -1.06 4.64
N GLY A 19 0.78 -1.28 3.89
CA GLY A 19 -0.52 -0.84 4.33
C GLY A 19 -1.14 0.16 3.37
N LYS A 20 -0.60 0.24 2.17
CA LYS A 20 -1.10 1.16 1.15
C LYS A 20 -2.60 0.99 0.94
N ALA A 21 -3.20 1.86 0.14
CA ALA A 21 -4.62 1.79 -0.14
C ALA A 21 -4.90 1.98 -1.63
N PHE A 22 -5.85 1.20 -2.15
CA PHE A 22 -6.20 1.28 -3.56
C PHE A 22 -7.69 1.05 -3.76
N ILE A 23 -8.26 1.67 -4.79
CA ILE A 23 -9.68 1.53 -5.09
C ILE A 23 -9.95 0.26 -5.89
N TRP A 24 -8.93 -0.20 -6.61
CA TRP A 24 -9.06 -1.41 -7.42
C TRP A 24 -8.09 -2.49 -6.96
N LYS A 25 -8.51 -3.73 -7.04
CA LYS A 25 -7.68 -4.86 -6.62
C LYS A 25 -6.40 -4.92 -7.45
N SER A 26 -6.55 -4.86 -8.77
CA SER A 26 -5.40 -4.91 -9.67
C SER A 26 -4.29 -3.99 -9.19
N LEU A 27 -4.65 -2.75 -8.89
CA LEU A 27 -3.68 -1.76 -8.40
C LEU A 27 -2.87 -2.33 -7.25
N LEU A 28 -3.54 -3.04 -6.35
CA LEU A 28 -2.88 -3.63 -5.18
C LEU A 28 -1.90 -4.73 -5.61
N ILE A 29 -2.31 -5.52 -6.59
CA ILE A 29 -1.48 -6.60 -7.09
C ILE A 29 -0.17 -6.07 -7.65
N VAL A 30 -0.27 -5.21 -8.66
CA VAL A 30 0.92 -4.62 -9.29
C VAL A 30 1.78 -3.91 -8.26
N HIS A 31 1.22 -3.69 -7.07
CA HIS A 31 1.95 -3.01 -6.00
C HIS A 31 2.67 -4.03 -5.11
N GLU A 32 1.91 -4.94 -4.52
CA GLU A 32 2.49 -5.96 -3.65
C GLU A 32 3.84 -6.42 -4.17
N ARG A 33 3.93 -6.62 -5.48
CA ARG A 33 5.17 -7.06 -6.10
C ARG A 33 6.35 -6.23 -5.62
N THR A 34 6.17 -4.91 -5.62
CA THR A 34 7.22 -3.99 -5.18
C THR A 34 7.97 -4.54 -3.97
N HIS A 35 7.23 -5.19 -3.07
CA HIS A 35 7.83 -5.77 -1.87
C HIS A 35 8.45 -7.13 -2.18
N ALA A 36 9.11 -7.23 -3.33
CA ALA A 36 9.75 -8.47 -3.73
C ALA A 36 11.24 -8.27 -3.97
N GLY A 37 12.07 -8.84 -3.10
CA GLY A 37 13.50 -8.71 -3.24
C GLY A 37 14.18 -8.45 -1.91
N VAL A 38 13.92 -7.30 -1.32
CA VAL A 38 14.52 -6.93 -0.04
C VAL A 38 13.47 -6.37 0.92
N SER A 39 13.55 -6.79 2.18
CA SER A 39 12.60 -6.33 3.19
C SER A 39 13.32 -5.48 4.25
N GLY A 40 13.02 -4.19 4.25
CA GLY A 40 13.64 -3.30 5.22
C GLY A 40 13.00 -3.40 6.59
N PRO A 41 12.02 -2.52 6.84
CA PRO A 41 11.30 -2.49 8.12
C PRO A 41 10.41 -3.71 8.32
N SER A 42 10.61 -4.42 9.42
CA SER A 42 9.83 -5.60 9.73
C SER A 42 8.74 -5.29 10.75
N SER A 43 7.48 -5.47 10.35
CA SER A 43 6.35 -5.20 11.24
C SER A 43 5.37 -6.36 11.22
N GLY A 44 5.02 -6.86 12.41
CA GLY A 44 4.09 -7.96 12.51
C GLY A 44 2.83 -7.73 11.69
ZN ZN B . 2.74 -2.44 0.07
N GLY A 1 -0.48 27.35 2.74
CA GLY A 1 -0.06 26.73 1.49
C GLY A 1 -1.21 26.05 0.76
N SER A 2 -1.00 24.79 0.39
CA SER A 2 -2.02 24.03 -0.32
C SER A 2 -2.28 22.68 0.36
N SER A 3 -3.48 22.53 0.90
CA SER A 3 -3.86 21.31 1.59
C SER A 3 -5.23 20.82 1.12
N GLY A 4 -5.62 19.63 1.59
CA GLY A 4 -6.90 19.07 1.21
C GLY A 4 -6.98 17.58 1.44
N SER A 5 -6.98 17.17 2.70
CA SER A 5 -7.04 15.75 3.05
C SER A 5 -8.48 15.26 3.08
N SER A 6 -8.89 14.56 2.02
CA SER A 6 -10.24 14.04 1.92
C SER A 6 -10.23 12.52 1.84
N GLY A 7 -10.41 11.88 2.99
CA GLY A 7 -10.41 10.42 3.05
C GLY A 7 -9.02 9.84 3.04
N SER A 8 -8.50 9.52 4.23
CA SER A 8 -7.17 8.95 4.35
C SER A 8 -7.24 7.47 4.64
N GLY A 9 -8.15 6.78 3.95
CA GLY A 9 -8.30 5.34 4.15
C GLY A 9 -9.73 4.88 3.94
N GLU A 10 -10.21 4.99 2.70
CA GLU A 10 -11.57 4.58 2.37
C GLU A 10 -11.57 3.65 1.16
N LYS A 11 -10.66 2.69 1.15
CA LYS A 11 -10.55 1.73 0.06
C LYS A 11 -10.76 0.31 0.56
N PRO A 12 -11.42 -0.52 -0.26
CA PRO A 12 -11.69 -1.92 0.08
C PRO A 12 -10.42 -2.78 0.08
N TYR A 13 -9.38 -2.26 -0.55
CA TYR A 13 -8.11 -2.98 -0.63
C TYR A 13 -6.99 -2.17 0.01
N GLU A 14 -6.21 -2.82 0.86
CA GLU A 14 -5.10 -2.16 1.54
C GLU A 14 -3.93 -3.12 1.73
N CYS A 15 -2.82 -2.83 1.06
CA CYS A 15 -1.63 -3.66 1.15
C CYS A 15 -1.42 -4.16 2.58
N ASN A 16 -0.78 -5.33 2.70
CA ASN A 16 -0.52 -5.92 4.01
C ASN A 16 0.94 -5.73 4.40
N GLU A 17 1.80 -5.56 3.41
CA GLU A 17 3.23 -5.37 3.66
C GLU A 17 3.50 -3.99 4.26
N CYS A 18 3.03 -2.96 3.57
CA CYS A 18 3.21 -1.58 4.03
C CYS A 18 1.92 -1.03 4.61
N GLY A 19 0.83 -1.17 3.87
CA GLY A 19 -0.46 -0.68 4.32
C GLY A 19 -1.07 0.30 3.35
N LYS A 20 -0.53 0.35 2.14
CA LYS A 20 -1.05 1.25 1.10
C LYS A 20 -2.54 1.03 0.89
N ALA A 21 -3.16 1.95 0.15
CA ALA A 21 -4.59 1.86 -0.14
C ALA A 21 -4.85 2.01 -1.63
N PHE A 22 -5.79 1.22 -2.14
CA PHE A 22 -6.15 1.26 -3.55
C PHE A 22 -7.63 0.95 -3.75
N ILE A 23 -8.28 1.75 -4.59
CA ILE A 23 -9.70 1.56 -4.87
C ILE A 23 -9.93 0.34 -5.74
N TRP A 24 -8.89 -0.11 -6.42
CA TRP A 24 -8.98 -1.28 -7.29
C TRP A 24 -8.05 -2.39 -6.80
N LYS A 25 -8.45 -3.63 -7.05
CA LYS A 25 -7.65 -4.79 -6.64
C LYS A 25 -6.36 -4.86 -7.44
N SER A 26 -6.48 -4.87 -8.76
CA SER A 26 -5.32 -4.95 -9.65
C SER A 26 -4.21 -4.01 -9.17
N LEU A 27 -4.60 -2.78 -8.85
CA LEU A 27 -3.64 -1.79 -8.38
C LEU A 27 -2.84 -2.31 -7.19
N LEU A 28 -3.50 -3.07 -6.33
CA LEU A 28 -2.85 -3.64 -5.15
C LEU A 28 -1.87 -4.74 -5.55
N ILE A 29 -2.21 -5.47 -6.61
CA ILE A 29 -1.35 -6.54 -7.10
C ILE A 29 -0.04 -5.99 -7.65
N VAL A 30 -0.14 -5.17 -8.69
CA VAL A 30 1.04 -4.58 -9.31
C VAL A 30 1.90 -3.86 -8.28
N HIS A 31 1.32 -3.61 -7.10
CA HIS A 31 2.03 -2.92 -6.03
C HIS A 31 2.71 -3.93 -5.10
N GLU A 32 1.92 -4.85 -4.55
CA GLU A 32 2.44 -5.87 -3.65
C GLU A 32 3.70 -6.52 -4.23
N ARG A 33 3.83 -6.45 -5.55
CA ARG A 33 4.98 -7.04 -6.22
C ARG A 33 6.28 -6.34 -5.82
N THR A 34 6.21 -5.01 -5.73
CA THR A 34 7.38 -4.22 -5.35
C THR A 34 7.96 -4.69 -4.02
N HIS A 35 7.14 -5.36 -3.22
CA HIS A 35 7.57 -5.87 -1.93
C HIS A 35 8.27 -7.23 -2.09
N ALA A 36 8.99 -7.39 -3.19
CA ALA A 36 9.70 -8.64 -3.45
C ALA A 36 11.21 -8.46 -3.31
N GLY A 37 11.61 -7.78 -2.23
CA GLY A 37 13.03 -7.54 -1.99
C GLY A 37 13.29 -6.15 -1.46
N VAL A 38 14.36 -5.53 -1.96
CA VAL A 38 14.73 -4.18 -1.54
C VAL A 38 13.52 -3.27 -1.48
N SER A 39 13.47 -2.40 -0.48
CA SER A 39 12.36 -1.47 -0.31
C SER A 39 12.12 -0.68 -1.60
N GLY A 40 13.18 -0.02 -2.09
CA GLY A 40 13.06 0.76 -3.30
C GLY A 40 14.00 0.28 -4.39
N PRO A 41 13.52 0.35 -5.65
CA PRO A 41 14.31 -0.09 -6.81
C PRO A 41 15.48 0.83 -7.09
N SER A 42 15.59 1.92 -6.32
CA SER A 42 16.66 2.88 -6.50
C SER A 42 17.97 2.33 -5.93
N SER A 43 17.90 1.75 -4.73
CA SER A 43 19.09 1.20 -4.09
C SER A 43 20.03 0.58 -5.11
N GLY A 44 21.33 0.77 -4.90
CA GLY A 44 22.31 0.23 -5.82
C GLY A 44 23.51 1.15 -5.99
ZN ZN B . 2.74 -2.34 -0.07
N GLY A 1 5.89 20.10 13.45
CA GLY A 1 5.27 19.26 12.46
C GLY A 1 3.87 19.72 12.10
N SER A 2 3.10 18.84 11.46
CA SER A 2 1.74 19.16 11.05
C SER A 2 0.90 17.90 10.88
N SER A 3 -0.41 18.06 10.83
CA SER A 3 -1.32 16.94 10.67
C SER A 3 -2.23 17.14 9.47
N GLY A 4 -2.26 16.15 8.58
CA GLY A 4 -3.10 16.23 7.40
C GLY A 4 -3.24 14.89 6.69
N SER A 5 -4.46 14.36 6.69
CA SER A 5 -4.73 13.07 6.06
C SER A 5 -6.23 12.87 5.87
N SER A 6 -6.61 12.30 4.72
CA SER A 6 -8.01 12.05 4.43
C SER A 6 -8.15 11.23 3.15
N GLY A 7 -9.37 10.79 2.86
CA GLY A 7 -9.62 10.00 1.67
C GLY A 7 -11.09 9.68 1.48
N SER A 8 -11.78 10.54 0.74
CA SER A 8 -13.21 10.35 0.48
C SER A 8 -13.54 8.87 0.34
N GLY A 9 -14.35 8.36 1.26
CA GLY A 9 -14.75 6.96 1.23
C GLY A 9 -13.60 6.04 1.58
N GLU A 10 -13.90 4.96 2.28
CA GLU A 10 -12.89 4.00 2.68
C GLU A 10 -12.53 3.07 1.52
N LYS A 11 -11.26 2.72 1.40
CA LYS A 11 -10.79 1.85 0.34
C LYS A 11 -11.07 0.38 0.68
N PRO A 12 -11.46 -0.40 -0.33
CA PRO A 12 -11.76 -1.83 -0.16
C PRO A 12 -10.51 -2.65 0.14
N TYR A 13 -9.46 -2.44 -0.67
CA TYR A 13 -8.22 -3.18 -0.49
C TYR A 13 -7.18 -2.31 0.21
N GLU A 14 -6.15 -2.95 0.76
CA GLU A 14 -5.09 -2.24 1.46
C GLU A 14 -3.90 -3.15 1.70
N CYS A 15 -2.81 -2.91 0.96
CA CYS A 15 -1.60 -3.71 1.09
C CYS A 15 -1.38 -4.12 2.55
N ASN A 16 -0.70 -5.26 2.74
CA ASN A 16 -0.42 -5.76 4.07
C ASN A 16 1.03 -5.50 4.47
N GLU A 17 1.93 -5.60 3.48
CA GLU A 17 3.35 -5.37 3.72
C GLU A 17 3.59 -3.98 4.32
N CYS A 18 3.06 -2.96 3.64
CA CYS A 18 3.22 -1.59 4.10
C CYS A 18 1.90 -1.04 4.64
N GLY A 19 0.84 -1.21 3.86
CA GLY A 19 -0.47 -0.73 4.28
C GLY A 19 -1.08 0.24 3.28
N LYS A 20 -0.51 0.28 2.09
CA LYS A 20 -1.00 1.16 1.04
C LYS A 20 -2.49 0.93 0.78
N ALA A 21 -3.13 1.88 0.10
CA ALA A 21 -4.54 1.76 -0.22
C ALA A 21 -4.78 1.95 -1.71
N PHE A 22 -5.73 1.18 -2.25
CA PHE A 22 -6.05 1.27 -3.67
C PHE A 22 -7.54 0.99 -3.90
N ILE A 23 -8.20 1.89 -4.63
CA ILE A 23 -9.62 1.74 -4.92
C ILE A 23 -9.89 0.47 -5.74
N TRP A 24 -8.89 0.07 -6.53
CA TRP A 24 -9.02 -1.12 -7.36
C TRP A 24 -8.11 -2.24 -6.84
N LYS A 25 -8.47 -3.48 -7.15
CA LYS A 25 -7.69 -4.63 -6.72
C LYS A 25 -6.38 -4.71 -7.48
N SER A 26 -6.47 -4.82 -8.80
CA SER A 26 -5.29 -4.91 -9.65
C SER A 26 -4.18 -4.01 -9.13
N LEU A 27 -4.49 -2.73 -8.95
CA LEU A 27 -3.52 -1.76 -8.45
C LEU A 27 -2.77 -2.31 -7.24
N LEU A 28 -3.50 -3.01 -6.37
CA LEU A 28 -2.90 -3.59 -5.18
C LEU A 28 -1.94 -4.73 -5.54
N ILE A 29 -2.29 -5.47 -6.59
CA ILE A 29 -1.47 -6.58 -7.03
C ILE A 29 -0.14 -6.08 -7.60
N VAL A 30 -0.21 -5.22 -8.60
CA VAL A 30 0.98 -4.66 -9.23
C VAL A 30 1.88 -4.00 -8.20
N HIS A 31 1.33 -3.76 -7.00
CA HIS A 31 2.09 -3.12 -5.93
C HIS A 31 2.68 -4.17 -4.99
N GLU A 32 1.82 -5.04 -4.48
CA GLU A 32 2.25 -6.09 -3.56
C GLU A 32 3.57 -6.70 -4.02
N ARG A 33 3.80 -6.70 -5.33
CA ARG A 33 5.01 -7.26 -5.90
C ARG A 33 6.22 -6.40 -5.54
N THR A 34 6.05 -5.08 -5.60
CA THR A 34 7.12 -4.15 -5.28
C THR A 34 7.87 -4.59 -4.02
N HIS A 35 7.20 -5.38 -3.19
CA HIS A 35 7.81 -5.86 -1.95
C HIS A 35 8.57 -7.16 -2.19
N ALA A 36 9.26 -7.24 -3.33
CA ALA A 36 10.04 -8.43 -3.67
C ALA A 36 11.49 -8.07 -3.97
N GLY A 37 12.31 -8.04 -2.94
CA GLY A 37 13.72 -7.71 -3.11
C GLY A 37 14.53 -7.95 -1.85
N VAL A 38 15.00 -6.87 -1.24
CA VAL A 38 15.79 -6.95 -0.02
C VAL A 38 15.06 -6.31 1.16
N SER A 39 15.02 -7.03 2.28
CA SER A 39 14.34 -6.53 3.48
C SER A 39 15.24 -6.69 4.70
N GLY A 40 15.11 -5.76 5.64
CA GLY A 40 15.91 -5.82 6.85
C GLY A 40 15.30 -5.02 7.99
N PRO A 41 15.26 -3.69 7.85
CA PRO A 41 14.69 -2.79 8.86
C PRO A 41 13.18 -2.92 8.97
N SER A 42 12.61 -3.84 8.19
CA SER A 42 11.17 -4.07 8.20
C SER A 42 10.83 -5.45 8.74
N SER A 43 9.82 -5.52 9.59
CA SER A 43 9.40 -6.79 10.18
C SER A 43 7.92 -6.74 10.56
N GLY A 44 7.14 -7.66 9.99
CA GLY A 44 5.72 -7.72 10.28
C GLY A 44 4.88 -7.97 9.04
ZN ZN B . 2.88 -2.42 0.03
N GLY A 1 -6.66 24.84 13.71
CA GLY A 1 -7.17 23.97 12.66
C GLY A 1 -6.12 23.69 11.60
N SER A 2 -5.38 22.60 11.77
CA SER A 2 -4.33 22.22 10.81
C SER A 2 -4.94 21.52 9.61
N SER A 3 -5.16 22.27 8.53
CA SER A 3 -5.74 21.72 7.32
C SER A 3 -4.80 20.68 6.70
N GLY A 4 -5.38 19.56 6.27
CA GLY A 4 -4.59 18.50 5.65
C GLY A 4 -5.40 17.26 5.37
N SER A 5 -4.88 16.11 5.76
CA SER A 5 -5.56 14.83 5.55
C SER A 5 -5.90 14.16 6.87
N SER A 6 -7.06 14.50 7.42
CA SER A 6 -7.50 13.93 8.69
C SER A 6 -8.81 13.16 8.51
N GLY A 7 -8.72 11.83 8.50
CA GLY A 7 -9.90 11.02 8.35
C GLY A 7 -9.91 10.25 7.03
N SER A 8 -8.82 9.55 6.75
CA SER A 8 -8.71 8.78 5.52
C SER A 8 -8.93 7.30 5.78
N GLY A 9 -9.01 6.51 4.71
CA GLY A 9 -9.22 5.09 4.84
C GLY A 9 -10.55 4.64 4.26
N GLU A 10 -10.84 5.09 3.04
CA GLU A 10 -12.09 4.74 2.38
C GLU A 10 -11.82 3.84 1.17
N LYS A 11 -10.94 2.88 1.34
CA LYS A 11 -10.59 1.95 0.26
C LYS A 11 -10.85 0.51 0.69
N PRO A 12 -11.33 -0.31 -0.27
CA PRO A 12 -11.63 -1.73 -0.02
C PRO A 12 -10.38 -2.55 0.20
N TYR A 13 -9.41 -2.42 -0.70
CA TYR A 13 -8.17 -3.16 -0.60
C TYR A 13 -7.09 -2.33 0.11
N GLU A 14 -6.23 -3.02 0.85
CA GLU A 14 -5.16 -2.35 1.59
C GLU A 14 -3.96 -3.27 1.76
N CYS A 15 -2.88 -2.94 1.07
CA CYS A 15 -1.66 -3.75 1.15
C CYS A 15 -1.41 -4.24 2.57
N ASN A 16 -0.62 -5.30 2.70
CA ASN A 16 -0.31 -5.87 4.00
C ASN A 16 1.15 -5.60 4.39
N GLU A 17 2.01 -5.57 3.37
CA GLU A 17 3.43 -5.32 3.59
C GLU A 17 3.66 -3.93 4.18
N CYS A 18 3.01 -2.94 3.60
CA CYS A 18 3.14 -1.56 4.06
C CYS A 18 1.82 -1.05 4.63
N GLY A 19 0.74 -1.25 3.87
CA GLY A 19 -0.57 -0.80 4.31
C GLY A 19 -1.21 0.17 3.33
N LYS A 20 -0.64 0.27 2.13
CA LYS A 20 -1.15 1.16 1.11
C LYS A 20 -2.64 0.93 0.89
N ALA A 21 -3.28 1.84 0.16
CA ALA A 21 -4.70 1.73 -0.13
C ALA A 21 -4.98 1.99 -1.61
N PHE A 22 -5.73 1.10 -2.23
CA PHE A 22 -6.07 1.23 -3.65
C PHE A 22 -7.56 0.97 -3.87
N ILE A 23 -8.19 1.85 -4.66
CA ILE A 23 -9.62 1.70 -4.96
C ILE A 23 -9.88 0.44 -5.78
N TRP A 24 -8.86 -0.03 -6.48
CA TRP A 24 -8.98 -1.23 -7.31
C TRP A 24 -8.08 -2.34 -6.78
N LYS A 25 -8.43 -3.58 -7.11
CA LYS A 25 -7.65 -4.73 -6.68
C LYS A 25 -6.34 -4.82 -7.45
N SER A 26 -6.43 -4.87 -8.78
CA SER A 26 -5.26 -4.95 -9.63
C SER A 26 -4.14 -4.05 -9.10
N LEU A 27 -4.46 -2.78 -8.91
CA LEU A 27 -3.48 -1.81 -8.42
C LEU A 27 -2.72 -2.39 -7.22
N LEU A 28 -3.44 -3.05 -6.33
CA LEU A 28 -2.83 -3.65 -5.14
C LEU A 28 -1.90 -4.80 -5.53
N ILE A 29 -2.27 -5.54 -6.57
CA ILE A 29 -1.47 -6.66 -7.04
C ILE A 29 -0.17 -6.17 -7.66
N VAL A 30 -0.27 -5.26 -8.63
CA VAL A 30 0.90 -4.72 -9.30
C VAL A 30 1.78 -3.93 -8.33
N HIS A 31 1.26 -3.71 -7.12
CA HIS A 31 1.99 -2.97 -6.11
C HIS A 31 2.73 -3.92 -5.18
N GLU A 32 2.00 -4.83 -4.56
CA GLU A 32 2.60 -5.80 -3.64
C GLU A 32 3.93 -6.31 -4.18
N ARG A 33 3.98 -6.56 -5.48
CA ARG A 33 5.19 -7.05 -6.13
C ARG A 33 6.41 -6.24 -5.69
N THR A 34 6.25 -4.92 -5.67
CA THR A 34 7.34 -4.03 -5.27
C THR A 34 8.10 -4.59 -4.07
N HIS A 35 7.36 -5.03 -3.05
CA HIS A 35 7.96 -5.59 -1.85
C HIS A 35 8.84 -6.79 -2.20
N ALA A 36 8.31 -7.69 -3.03
CA ALA A 36 9.05 -8.88 -3.44
C ALA A 36 10.52 -8.57 -3.65
N GLY A 37 10.80 -7.46 -4.34
CA GLY A 37 12.17 -7.07 -4.60
C GLY A 37 12.96 -6.82 -3.34
N VAL A 38 14.22 -7.22 -3.34
CA VAL A 38 15.09 -7.04 -2.17
C VAL A 38 15.74 -5.67 -2.18
N SER A 39 15.47 -4.88 -1.16
CA SER A 39 16.03 -3.53 -1.05
C SER A 39 17.07 -3.48 0.07
N GLY A 40 17.89 -4.51 0.17
CA GLY A 40 18.92 -4.55 1.20
C GLY A 40 19.78 -5.79 1.10
N PRO A 41 20.91 -5.78 1.83
CA PRO A 41 21.85 -6.91 1.84
C PRO A 41 21.29 -8.12 2.55
N SER A 42 20.76 -7.92 3.75
CA SER A 42 20.19 -9.00 4.54
C SER A 42 18.68 -8.83 4.70
N SER A 43 18.27 -7.61 5.03
CA SER A 43 16.86 -7.30 5.23
C SER A 43 16.06 -7.58 3.95
N GLY A 44 14.92 -8.23 4.11
CA GLY A 44 14.08 -8.55 2.97
C GLY A 44 14.19 -10.01 2.56
ZN ZN B . 2.86 -2.42 -0.02
N GLY A 1 -8.19 15.93 8.06
CA GLY A 1 -7.92 17.34 7.86
C GLY A 1 -7.36 17.62 6.47
N SER A 2 -6.04 17.83 6.40
CA SER A 2 -5.39 18.11 5.13
C SER A 2 -5.63 16.99 4.13
N SER A 3 -5.47 15.75 4.59
CA SER A 3 -5.66 14.59 3.74
C SER A 3 -7.06 14.61 3.10
N GLY A 4 -7.12 15.13 1.88
CA GLY A 4 -8.40 15.19 1.18
C GLY A 4 -8.26 14.87 -0.29
N SER A 5 -7.48 13.84 -0.61
CA SER A 5 -7.26 13.44 -1.99
C SER A 5 -8.58 13.11 -2.67
N SER A 6 -9.35 12.20 -2.07
CA SER A 6 -10.64 11.79 -2.62
C SER A 6 -11.75 12.03 -1.60
N GLY A 7 -12.99 11.90 -2.07
CA GLY A 7 -14.13 12.11 -1.19
C GLY A 7 -14.10 11.21 0.03
N SER A 8 -14.89 10.14 0.01
CA SER A 8 -14.94 9.20 1.12
C SER A 8 -13.64 8.43 1.25
N GLY A 9 -13.12 7.97 0.12
CA GLY A 9 -11.87 7.23 0.13
C GLY A 9 -12.00 5.89 0.82
N GLU A 10 -11.30 5.72 1.93
CA GLU A 10 -11.34 4.47 2.68
C GLU A 10 -11.38 3.27 1.74
N LYS A 11 -10.45 3.24 0.79
CA LYS A 11 -10.38 2.16 -0.18
C LYS A 11 -10.52 0.80 0.51
N PRO A 12 -11.21 -0.14 -0.16
CA PRO A 12 -11.44 -1.47 0.37
C PRO A 12 -10.15 -2.31 0.42
N TYR A 13 -9.36 -2.23 -0.65
CA TYR A 13 -8.11 -2.97 -0.72
C TYR A 13 -6.99 -2.22 -0.01
N GLU A 14 -6.30 -2.91 0.90
CA GLU A 14 -5.20 -2.31 1.65
C GLU A 14 -4.01 -3.26 1.72
N CYS A 15 -2.90 -2.88 1.09
CA CYS A 15 -1.69 -3.70 1.09
C CYS A 15 -1.44 -4.29 2.48
N ASN A 16 -0.75 -5.42 2.51
CA ASN A 16 -0.45 -6.09 3.77
C ASN A 16 0.99 -5.82 4.19
N GLU A 17 1.88 -5.69 3.21
CA GLU A 17 3.29 -5.43 3.48
C GLU A 17 3.46 -4.09 4.18
N CYS A 18 3.08 -3.01 3.49
CA CYS A 18 3.20 -1.67 4.03
C CYS A 18 1.87 -1.21 4.63
N GLY A 19 0.80 -1.38 3.87
CA GLY A 19 -0.52 -0.98 4.34
C GLY A 19 -1.17 0.05 3.43
N LYS A 20 -0.62 0.19 2.23
CA LYS A 20 -1.16 1.14 1.26
C LYS A 20 -2.65 0.90 1.02
N ALA A 21 -3.26 1.77 0.22
CA ALA A 21 -4.68 1.63 -0.09
C ALA A 21 -4.94 1.88 -1.58
N PHE A 22 -5.86 1.09 -2.14
CA PHE A 22 -6.19 1.22 -3.56
C PHE A 22 -7.67 0.94 -3.79
N ILE A 23 -8.29 1.71 -4.68
CA ILE A 23 -9.70 1.54 -5.00
C ILE A 23 -9.93 0.30 -5.85
N TRP A 24 -8.89 -0.10 -6.58
CA TRP A 24 -8.99 -1.28 -7.44
C TRP A 24 -8.08 -2.39 -6.94
N LYS A 25 -8.50 -3.63 -7.13
CA LYS A 25 -7.73 -4.79 -6.70
C LYS A 25 -6.42 -4.87 -7.47
N SER A 26 -6.51 -4.97 -8.79
CA SER A 26 -5.33 -5.08 -9.64
C SER A 26 -4.25 -4.12 -9.16
N LEU A 27 -4.62 -2.87 -8.94
CA LEU A 27 -3.67 -1.86 -8.47
C LEU A 27 -2.88 -2.36 -7.27
N LEU A 28 -3.56 -3.05 -6.36
CA LEU A 28 -2.92 -3.58 -5.17
C LEU A 28 -1.94 -4.69 -5.52
N ILE A 29 -2.29 -5.48 -6.54
CA ILE A 29 -1.43 -6.57 -6.99
C ILE A 29 -0.10 -6.05 -7.52
N VAL A 30 -0.17 -5.27 -8.60
CA VAL A 30 1.04 -4.70 -9.21
C VAL A 30 1.87 -3.96 -8.16
N HIS A 31 1.27 -3.67 -7.02
CA HIS A 31 1.97 -2.97 -5.94
C HIS A 31 2.65 -3.96 -5.00
N GLU A 32 1.85 -4.82 -4.39
CA GLU A 32 2.36 -5.82 -3.46
C GLU A 32 3.70 -6.37 -3.95
N ARG A 33 3.76 -6.71 -5.23
CA ARG A 33 4.98 -7.25 -5.81
C ARG A 33 6.19 -6.38 -5.47
N THR A 34 6.01 -5.06 -5.58
CA THR A 34 7.08 -4.13 -5.27
C THR A 34 7.89 -4.57 -4.07
N HIS A 35 7.21 -5.18 -3.10
CA HIS A 35 7.87 -5.67 -1.89
C HIS A 35 8.58 -6.99 -2.15
N ALA A 36 9.33 -7.05 -3.24
CA ALA A 36 10.07 -8.25 -3.60
C ALA A 36 11.48 -7.91 -4.05
N GLY A 37 12.43 -8.80 -3.73
CA GLY A 37 13.81 -8.57 -4.12
C GLY A 37 14.70 -8.27 -2.93
N VAL A 38 14.19 -7.46 -2.02
CA VAL A 38 14.94 -7.08 -0.82
C VAL A 38 15.61 -8.30 -0.19
N SER A 39 16.93 -8.33 -0.23
CA SER A 39 17.70 -9.44 0.34
C SER A 39 17.01 -9.99 1.59
N GLY A 40 17.00 -9.17 2.64
CA GLY A 40 16.37 -9.58 3.89
C GLY A 40 16.52 -8.54 4.98
N PRO A 41 15.50 -8.44 5.84
CA PRO A 41 15.50 -7.48 6.95
C PRO A 41 16.51 -7.84 8.04
N SER A 42 17.23 -8.94 7.82
CA SER A 42 18.23 -9.39 8.78
C SER A 42 18.92 -8.22 9.46
N SER A 43 19.66 -7.45 8.68
CA SER A 43 20.38 -6.29 9.21
C SER A 43 19.45 -5.42 10.06
N GLY A 44 19.96 -4.96 11.19
CA GLY A 44 19.17 -4.12 12.08
C GLY A 44 20.01 -3.05 12.75
ZN ZN B . 2.68 -2.30 -0.01
N GLY A 1 7.54 10.93 -0.23
CA GLY A 1 6.35 10.08 -0.31
C GLY A 1 5.08 10.84 0.02
N SER A 2 4.11 10.78 -0.88
CA SER A 2 2.85 11.48 -0.69
C SER A 2 1.99 10.75 0.34
N SER A 3 1.58 11.48 1.38
CA SER A 3 0.75 10.91 2.44
C SER A 3 -0.32 10.00 1.86
N GLY A 4 -1.01 10.48 0.83
CA GLY A 4 -2.05 9.69 0.20
C GLY A 4 -2.67 10.40 -0.99
N SER A 5 -3.30 9.62 -1.87
CA SER A 5 -3.93 10.18 -3.06
C SER A 5 -5.24 10.88 -2.71
N SER A 6 -5.76 11.65 -3.66
CA SER A 6 -7.01 12.38 -3.45
C SER A 6 -8.21 11.44 -3.55
N GLY A 7 -8.53 10.79 -2.44
CA GLY A 7 -9.66 9.88 -2.43
C GLY A 7 -10.80 10.38 -1.57
N SER A 8 -12.03 10.16 -2.03
CA SER A 8 -13.21 10.60 -1.30
C SER A 8 -13.73 9.50 -0.39
N GLY A 9 -12.81 8.82 0.30
CA GLY A 9 -13.19 7.75 1.19
C GLY A 9 -12.13 6.67 1.29
N GLU A 10 -12.38 5.69 2.15
CA GLU A 10 -11.44 4.59 2.34
C GLU A 10 -11.50 3.61 1.16
N LYS A 11 -10.45 2.81 1.01
CA LYS A 11 -10.39 1.83 -0.07
C LYS A 11 -10.64 0.42 0.46
N PRO A 12 -11.34 -0.39 -0.33
CA PRO A 12 -11.66 -1.78 0.03
C PRO A 12 -10.42 -2.68 0.04
N TYR A 13 -9.35 -2.18 -0.56
CA TYR A 13 -8.10 -2.95 -0.63
C TYR A 13 -6.96 -2.19 0.04
N GLU A 14 -6.33 -2.82 1.02
CA GLU A 14 -5.22 -2.21 1.74
C GLU A 14 -4.04 -3.17 1.85
N CYS A 15 -2.94 -2.83 1.19
CA CYS A 15 -1.74 -3.66 1.22
C CYS A 15 -1.48 -4.21 2.62
N ASN A 16 -0.76 -5.31 2.69
CA ASN A 16 -0.44 -5.94 3.98
C ASN A 16 1.02 -5.70 4.34
N GLU A 17 1.88 -5.67 3.33
CA GLU A 17 3.30 -5.45 3.54
C GLU A 17 3.56 -4.11 4.24
N CYS A 18 2.99 -3.05 3.69
CA CYS A 18 3.16 -1.72 4.25
C CYS A 18 1.82 -1.20 4.80
N GLY A 19 0.78 -1.30 3.99
CA GLY A 19 -0.53 -0.83 4.40
C GLY A 19 -1.14 0.13 3.40
N LYS A 20 -0.51 0.26 2.24
CA LYS A 20 -1.00 1.15 1.20
C LYS A 20 -2.48 0.91 0.92
N ALA A 21 -3.07 1.78 0.11
CA ALA A 21 -4.48 1.66 -0.24
C ALA A 21 -4.70 1.79 -1.74
N PHE A 22 -5.76 1.17 -2.24
CA PHE A 22 -6.07 1.22 -3.66
C PHE A 22 -7.55 0.90 -3.91
N ILE A 23 -8.21 1.74 -4.69
CA ILE A 23 -9.62 1.57 -5.00
C ILE A 23 -9.83 0.38 -5.94
N TRP A 24 -8.75 -0.03 -6.62
CA TRP A 24 -8.81 -1.15 -7.54
C TRP A 24 -7.89 -2.28 -7.09
N LYS A 25 -8.42 -3.50 -7.11
CA LYS A 25 -7.65 -4.67 -6.69
C LYS A 25 -6.35 -4.77 -7.49
N SER A 26 -6.46 -4.80 -8.81
CA SER A 26 -5.29 -4.89 -9.68
C SER A 26 -4.17 -4.02 -9.17
N LEU A 27 -4.49 -2.77 -8.83
CA LEU A 27 -3.50 -1.84 -8.32
C LEU A 27 -2.76 -2.42 -7.12
N LEU A 28 -3.50 -3.05 -6.22
CA LEU A 28 -2.91 -3.66 -5.03
C LEU A 28 -1.94 -4.77 -5.41
N ILE A 29 -2.24 -5.48 -6.48
CA ILE A 29 -1.39 -6.56 -6.95
C ILE A 29 -0.05 -6.03 -7.45
N VAL A 30 -0.09 -5.23 -8.50
CA VAL A 30 1.11 -4.64 -9.09
C VAL A 30 1.98 -4.01 -8.00
N HIS A 31 1.37 -3.71 -6.87
CA HIS A 31 2.09 -3.09 -5.75
C HIS A 31 2.68 -4.16 -4.84
N GLU A 32 1.81 -4.98 -4.25
CA GLU A 32 2.26 -6.04 -3.34
C GLU A 32 3.44 -6.80 -3.94
N ARG A 33 3.60 -6.71 -5.26
CA ARG A 33 4.68 -7.39 -5.95
C ARG A 33 5.97 -6.58 -5.85
N THR A 34 5.83 -5.25 -5.90
CA THR A 34 6.99 -4.36 -5.84
C THR A 34 7.80 -4.61 -4.57
N HIS A 35 7.11 -4.97 -3.49
CA HIS A 35 7.77 -5.23 -2.21
C HIS A 35 8.93 -6.20 -2.39
N ALA A 36 8.70 -7.25 -3.19
CA ALA A 36 9.73 -8.25 -3.45
C ALA A 36 11.01 -7.60 -3.96
N GLY A 37 12.08 -7.75 -3.19
CA GLY A 37 13.35 -7.17 -3.58
C GLY A 37 14.30 -7.01 -2.42
N VAL A 38 14.60 -8.12 -1.74
CA VAL A 38 15.51 -8.10 -0.60
C VAL A 38 16.67 -7.14 -0.84
N SER A 39 17.22 -7.18 -2.05
CA SER A 39 18.35 -6.32 -2.40
C SER A 39 19.48 -6.45 -1.38
N GLY A 40 19.76 -7.69 -0.98
CA GLY A 40 20.81 -7.93 -0.02
C GLY A 40 21.55 -9.23 -0.27
N PRO A 41 22.82 -9.29 0.16
CA PRO A 41 23.66 -10.48 -0.03
C PRO A 41 23.21 -11.65 0.84
N SER A 42 22.76 -12.72 0.19
CA SER A 42 22.30 -13.91 0.90
C SER A 42 23.29 -14.31 1.99
N SER A 43 22.76 -14.75 3.13
CA SER A 43 23.60 -15.16 4.25
C SER A 43 24.02 -16.63 4.10
N GLY A 44 25.32 -16.87 4.20
CA GLY A 44 25.83 -18.22 4.07
C GLY A 44 27.28 -18.26 3.63
ZN ZN B . 2.82 -2.37 0.22
N GLY A 1 -3.66 26.89 12.50
CA GLY A 1 -4.29 26.41 11.28
C GLY A 1 -4.02 24.93 11.03
N SER A 2 -5.08 24.14 11.03
CA SER A 2 -4.95 22.70 10.81
C SER A 2 -6.15 22.16 10.03
N SER A 3 -5.88 21.48 8.92
CA SER A 3 -6.94 20.92 8.09
C SER A 3 -6.40 19.78 7.23
N GLY A 4 -7.20 18.74 7.07
CA GLY A 4 -6.78 17.60 6.27
C GLY A 4 -7.57 16.34 6.59
N SER A 5 -6.85 15.28 6.94
CA SER A 5 -7.48 14.01 7.28
C SER A 5 -8.57 13.65 6.26
N SER A 6 -8.28 13.90 4.99
CA SER A 6 -9.23 13.61 3.93
C SER A 6 -9.41 12.10 3.73
N GLY A 7 -10.40 11.55 4.42
CA GLY A 7 -10.66 10.12 4.32
C GLY A 7 -9.46 9.28 4.71
N SER A 8 -9.28 9.10 6.02
CA SER A 8 -8.15 8.31 6.52
C SER A 8 -7.88 7.11 5.62
N GLY A 9 -8.93 6.37 5.31
CA GLY A 9 -8.79 5.20 4.46
C GLY A 9 -10.12 4.53 4.16
N GLU A 10 -10.78 4.96 3.10
CA GLU A 10 -12.06 4.39 2.71
C GLU A 10 -11.90 3.40 1.57
N LYS A 11 -10.65 3.14 1.19
CA LYS A 11 -10.36 2.20 0.12
C LYS A 11 -10.67 0.77 0.53
N PRO A 12 -11.22 -0.02 -0.40
CA PRO A 12 -11.57 -1.42 -0.15
C PRO A 12 -10.33 -2.30 0.02
N TYR A 13 -9.36 -2.12 -0.86
CA TYR A 13 -8.12 -2.90 -0.81
C TYR A 13 -7.04 -2.16 -0.05
N GLU A 14 -6.25 -2.90 0.73
CA GLU A 14 -5.17 -2.31 1.51
C GLU A 14 -4.02 -3.30 1.66
N CYS A 15 -2.87 -2.95 1.08
CA CYS A 15 -1.69 -3.81 1.15
C CYS A 15 -1.47 -4.32 2.57
N ASN A 16 -0.77 -5.44 2.68
CA ASN A 16 -0.49 -6.04 3.99
C ASN A 16 0.96 -5.79 4.40
N GLU A 17 1.86 -5.78 3.42
CA GLU A 17 3.27 -5.56 3.67
C GLU A 17 3.49 -4.20 4.35
N CYS A 18 2.93 -3.16 3.74
CA CYS A 18 3.07 -1.81 4.27
C CYS A 18 1.74 -1.30 4.81
N GLY A 19 0.69 -1.43 4.01
CA GLY A 19 -0.62 -0.98 4.43
C GLY A 19 -1.21 0.05 3.48
N LYS A 20 -0.64 0.15 2.28
CA LYS A 20 -1.11 1.10 1.29
C LYS A 20 -2.60 0.90 1.01
N ALA A 21 -3.16 1.80 0.21
CA ALA A 21 -4.58 1.73 -0.14
C ALA A 21 -4.78 1.91 -1.65
N PHE A 22 -5.75 1.18 -2.19
CA PHE A 22 -6.05 1.27 -3.62
C PHE A 22 -7.54 1.06 -3.87
N ILE A 23 -8.09 1.88 -4.77
CA ILE A 23 -9.51 1.79 -5.10
C ILE A 23 -9.81 0.55 -5.93
N TRP A 24 -8.77 0.01 -6.57
CA TRP A 24 -8.91 -1.18 -7.39
C TRP A 24 -8.07 -2.32 -6.84
N LYS A 25 -8.41 -3.55 -7.24
CA LYS A 25 -7.68 -4.73 -6.79
C LYS A 25 -6.32 -4.83 -7.48
N SER A 26 -6.34 -4.83 -8.81
CA SER A 26 -5.11 -4.93 -9.59
C SER A 26 -4.02 -4.05 -9.00
N LEU A 27 -4.36 -2.78 -8.77
CA LEU A 27 -3.41 -1.84 -8.20
C LEU A 27 -2.70 -2.43 -6.99
N LEU A 28 -3.43 -3.23 -6.22
CA LEU A 28 -2.86 -3.86 -5.02
C LEU A 28 -1.97 -5.04 -5.42
N ILE A 29 -2.34 -5.74 -6.49
CA ILE A 29 -1.57 -6.88 -6.96
C ILE A 29 -0.23 -6.44 -7.51
N VAL A 30 -0.25 -5.47 -8.42
CA VAL A 30 0.97 -4.96 -9.03
C VAL A 30 1.83 -4.23 -8.01
N HIS A 31 1.26 -3.97 -6.84
CA HIS A 31 1.97 -3.28 -5.77
C HIS A 31 2.60 -4.28 -4.81
N GLU A 32 1.77 -5.13 -4.22
CA GLU A 32 2.25 -6.13 -3.28
C GLU A 32 3.54 -6.78 -3.77
N ARG A 33 3.72 -6.80 -5.09
CA ARG A 33 4.91 -7.38 -5.69
C ARG A 33 6.07 -6.39 -5.70
N THR A 34 5.74 -5.11 -5.87
CA THR A 34 6.75 -4.06 -5.90
C THR A 34 7.66 -4.14 -4.67
N HIS A 35 7.21 -4.87 -3.66
CA HIS A 35 7.99 -5.03 -2.42
C HIS A 35 9.19 -5.94 -2.67
N ALA A 36 8.96 -7.04 -3.38
CA ALA A 36 10.02 -7.99 -3.68
C ALA A 36 11.27 -7.29 -4.18
N GLY A 37 11.10 -6.46 -5.22
CA GLY A 37 12.22 -5.75 -5.77
C GLY A 37 12.60 -4.52 -4.96
N VAL A 38 12.28 -3.33 -5.47
CA VAL A 38 12.58 -2.09 -4.78
C VAL A 38 11.49 -1.05 -5.02
N SER A 39 11.49 0.00 -4.21
CA SER A 39 10.50 1.06 -4.32
C SER A 39 11.18 2.41 -4.54
N GLY A 40 12.17 2.71 -3.69
CA GLY A 40 12.88 3.97 -3.81
C GLY A 40 14.34 3.85 -3.42
N PRO A 41 15.12 4.90 -3.70
CA PRO A 41 16.56 4.93 -3.39
C PRO A 41 16.82 5.01 -1.89
N SER A 42 18.07 4.80 -1.51
CA SER A 42 18.45 4.84 -0.10
C SER A 42 17.89 6.09 0.58
N SER A 43 17.61 5.98 1.87
CA SER A 43 17.06 7.08 2.63
C SER A 43 18.13 8.13 2.92
N GLY A 44 19.24 7.68 3.52
CA GLY A 44 20.32 8.59 3.84
C GLY A 44 21.03 9.10 2.60
ZN ZN B . 2.80 -2.53 0.20
N GLY A 1 -6.10 17.93 3.77
CA GLY A 1 -6.47 17.64 5.14
C GLY A 1 -7.33 18.71 5.76
N SER A 2 -8.50 18.94 5.18
CA SER A 2 -9.42 19.96 5.68
C SER A 2 -9.96 19.56 7.05
N SER A 3 -10.25 20.57 7.87
CA SER A 3 -10.79 20.34 9.21
C SER A 3 -12.10 19.58 9.15
N GLY A 4 -12.56 19.10 10.31
CA GLY A 4 -13.80 18.37 10.36
C GLY A 4 -13.60 16.87 10.21
N SER A 5 -12.58 16.35 10.87
CA SER A 5 -12.28 14.92 10.80
C SER A 5 -12.42 14.40 9.36
N SER A 6 -11.92 15.18 8.41
CA SER A 6 -11.99 14.81 7.01
C SER A 6 -11.45 13.40 6.79
N GLY A 7 -11.98 12.72 5.79
CA GLY A 7 -11.53 11.37 5.48
C GLY A 7 -12.36 10.71 4.40
N SER A 8 -11.84 10.71 3.18
CA SER A 8 -12.54 10.11 2.05
C SER A 8 -12.87 8.65 2.32
N GLY A 9 -13.78 8.10 1.53
CA GLY A 9 -14.16 6.71 1.70
C GLY A 9 -12.98 5.79 1.90
N GLU A 10 -13.16 4.74 2.70
CA GLU A 10 -12.09 3.80 2.98
C GLU A 10 -11.91 2.83 1.81
N LYS A 11 -10.67 2.67 1.36
CA LYS A 11 -10.37 1.77 0.26
C LYS A 11 -10.67 0.32 0.63
N PRO A 12 -11.21 -0.44 -0.34
CA PRO A 12 -11.56 -1.85 -0.13
C PRO A 12 -10.32 -2.73 0.01
N TYR A 13 -9.25 -2.34 -0.67
CA TYR A 13 -8.00 -3.11 -0.62
C TYR A 13 -6.89 -2.29 0.04
N GLU A 14 -6.21 -2.90 1.00
CA GLU A 14 -5.12 -2.24 1.70
C GLU A 14 -3.95 -3.19 1.92
N CYS A 15 -2.86 -2.95 1.19
CA CYS A 15 -1.67 -3.78 1.30
C CYS A 15 -1.41 -4.19 2.74
N ASN A 16 -0.77 -5.34 2.93
CA ASN A 16 -0.47 -5.84 4.26
C ASN A 16 0.98 -5.56 4.63
N GLU A 17 1.86 -5.56 3.63
CA GLU A 17 3.27 -5.31 3.85
C GLU A 17 3.49 -3.91 4.41
N CYS A 18 3.06 -2.90 3.66
CA CYS A 18 3.20 -1.51 4.07
C CYS A 18 1.90 -0.98 4.65
N GLY A 19 0.81 -1.16 3.91
CA GLY A 19 -0.49 -0.68 4.37
C GLY A 19 -1.11 0.30 3.40
N LYS A 20 -0.63 0.30 2.17
CA LYS A 20 -1.16 1.21 1.15
C LYS A 20 -2.65 1.00 0.95
N ALA A 21 -3.26 1.84 0.12
CA ALA A 21 -4.69 1.75 -0.15
C ALA A 21 -4.98 1.99 -1.62
N PHE A 22 -5.89 1.19 -2.19
CA PHE A 22 -6.26 1.33 -3.59
C PHE A 22 -7.71 0.93 -3.81
N ILE A 23 -8.40 1.65 -4.69
CA ILE A 23 -9.79 1.37 -4.99
C ILE A 23 -9.93 0.11 -5.84
N TRP A 24 -8.97 -0.10 -6.74
CA TRP A 24 -8.99 -1.27 -7.61
C TRP A 24 -8.01 -2.33 -7.11
N LYS A 25 -8.45 -3.58 -7.11
CA LYS A 25 -7.61 -4.69 -6.66
C LYS A 25 -6.31 -4.75 -7.46
N SER A 26 -6.44 -4.82 -8.78
CA SER A 26 -5.27 -4.89 -9.66
C SER A 26 -4.16 -3.97 -9.15
N LEU A 27 -4.50 -2.71 -8.93
CA LEU A 27 -3.53 -1.72 -8.45
C LEU A 27 -2.74 -2.28 -7.27
N LEU A 28 -3.44 -2.93 -6.35
CA LEU A 28 -2.80 -3.52 -5.17
C LEU A 28 -1.85 -4.64 -5.57
N ILE A 29 -2.24 -5.41 -6.58
CA ILE A 29 -1.41 -6.51 -7.06
C ILE A 29 -0.11 -6.01 -7.64
N VAL A 30 -0.20 -5.17 -8.66
CA VAL A 30 0.99 -4.61 -9.30
C VAL A 30 1.85 -3.85 -8.30
N HIS A 31 1.30 -3.61 -7.12
CA HIS A 31 2.02 -2.90 -6.06
C HIS A 31 2.76 -3.87 -5.16
N GLU A 32 2.01 -4.76 -4.51
CA GLU A 32 2.59 -5.74 -3.60
C GLU A 32 3.88 -6.32 -4.18
N ARG A 33 3.86 -6.64 -5.47
CA ARG A 33 5.02 -7.19 -6.15
C ARG A 33 6.28 -6.42 -5.79
N THR A 34 6.15 -5.09 -5.75
CA THR A 34 7.29 -4.23 -5.42
C THR A 34 8.08 -4.78 -4.24
N HIS A 35 7.38 -5.11 -3.16
CA HIS A 35 8.02 -5.66 -1.97
C HIS A 35 8.89 -6.86 -2.33
N ALA A 36 8.34 -7.78 -3.12
CA ALA A 36 9.08 -8.96 -3.53
C ALA A 36 10.51 -8.62 -3.93
N GLY A 37 11.47 -9.12 -3.15
CA GLY A 37 12.87 -8.85 -3.45
C GLY A 37 13.75 -8.99 -2.23
N VAL A 38 15.04 -9.23 -2.45
CA VAL A 38 15.99 -9.40 -1.36
C VAL A 38 17.12 -8.37 -1.46
N SER A 39 16.75 -7.13 -1.80
CA SER A 39 17.74 -6.06 -1.94
C SER A 39 17.16 -4.74 -1.45
N GLY A 40 18.00 -3.94 -0.79
CA GLY A 40 17.56 -2.66 -0.29
C GLY A 40 18.56 -1.56 -0.54
N PRO A 41 18.26 -0.34 -0.05
CA PRO A 41 19.13 0.83 -0.22
C PRO A 41 20.42 0.70 0.58
N SER A 42 21.43 1.48 0.19
CA SER A 42 22.71 1.46 0.88
C SER A 42 22.55 1.73 2.37
N SER A 43 23.22 0.93 3.19
CA SER A 43 23.14 1.08 4.64
C SER A 43 24.48 1.54 5.21
N GLY A 44 25.12 2.48 4.53
CA GLY A 44 26.40 2.99 4.98
C GLY A 44 26.83 4.23 4.24
ZN ZN B . 2.78 -2.55 0.08
N GLY A 1 -7.35 21.80 18.23
CA GLY A 1 -6.27 21.46 17.33
C GLY A 1 -6.70 21.44 15.89
N SER A 2 -6.29 20.39 15.16
CA SER A 2 -6.63 20.27 13.75
C SER A 2 -7.98 19.57 13.57
N SER A 3 -8.65 19.86 12.47
CA SER A 3 -9.96 19.27 12.19
C SER A 3 -9.92 18.48 10.88
N GLY A 4 -9.50 17.22 10.97
CA GLY A 4 -9.43 16.38 9.78
C GLY A 4 -9.54 14.90 10.11
N SER A 5 -10.44 14.57 11.03
CA SER A 5 -10.65 13.18 11.44
C SER A 5 -11.12 12.34 10.27
N SER A 6 -10.54 11.15 10.13
CA SER A 6 -10.90 10.25 9.04
C SER A 6 -12.39 10.32 8.75
N GLY A 7 -12.77 10.06 7.50
CA GLY A 7 -14.16 10.09 7.11
C GLY A 7 -14.36 9.88 5.62
N SER A 8 -13.57 10.60 4.82
CA SER A 8 -13.67 10.49 3.36
C SER A 8 -12.33 10.06 2.76
N GLY A 9 -12.25 8.82 2.31
CA GLY A 9 -11.03 8.31 1.71
C GLY A 9 -10.68 6.93 2.21
N GLU A 10 -11.65 6.02 2.17
CA GLU A 10 -11.43 4.65 2.61
C GLU A 10 -11.46 3.68 1.43
N LYS A 11 -10.30 3.08 1.15
CA LYS A 11 -10.18 2.13 0.05
C LYS A 11 -10.54 0.72 0.50
N PRO A 12 -11.21 -0.03 -0.37
CA PRO A 12 -11.62 -1.41 -0.08
C PRO A 12 -10.44 -2.37 -0.03
N TYR A 13 -9.35 -2.00 -0.69
CA TYR A 13 -8.15 -2.83 -0.72
C TYR A 13 -6.99 -2.13 -0.01
N GLU A 14 -6.34 -2.85 0.89
CA GLU A 14 -5.21 -2.31 1.64
C GLU A 14 -4.08 -3.33 1.76
N CYS A 15 -2.92 -2.97 1.21
CA CYS A 15 -1.76 -3.86 1.24
C CYS A 15 -1.50 -4.35 2.67
N ASN A 16 -0.81 -5.49 2.77
CA ASN A 16 -0.49 -6.07 4.07
C ASN A 16 0.95 -5.79 4.46
N GLU A 17 1.83 -5.73 3.47
CA GLU A 17 3.24 -5.47 3.70
C GLU A 17 3.44 -4.08 4.30
N CYS A 18 3.02 -3.05 3.55
CA CYS A 18 3.15 -1.68 4.01
C CYS A 18 1.84 -1.17 4.60
N GLY A 19 0.75 -1.35 3.85
CA GLY A 19 -0.55 -0.90 4.32
C GLY A 19 -1.20 0.08 3.36
N LYS A 20 -0.65 0.18 2.16
CA LYS A 20 -1.18 1.09 1.15
C LYS A 20 -2.68 0.90 0.98
N ALA A 21 -3.30 1.73 0.14
CA ALA A 21 -4.73 1.65 -0.11
C ALA A 21 -5.05 1.99 -1.56
N PHE A 22 -5.82 1.12 -2.20
CA PHE A 22 -6.19 1.32 -3.60
C PHE A 22 -7.68 1.00 -3.81
N ILE A 23 -8.29 1.68 -4.77
CA ILE A 23 -9.70 1.47 -5.07
C ILE A 23 -9.90 0.21 -5.91
N TRP A 24 -8.88 -0.14 -6.69
CA TRP A 24 -8.94 -1.32 -7.54
C TRP A 24 -7.98 -2.40 -7.04
N LYS A 25 -8.48 -3.62 -6.94
CA LYS A 25 -7.67 -4.74 -6.48
C LYS A 25 -6.38 -4.85 -7.29
N SER A 26 -6.52 -4.79 -8.61
CA SER A 26 -5.37 -4.88 -9.51
C SER A 26 -4.23 -4.00 -9.03
N LEU A 27 -4.53 -2.72 -8.81
CA LEU A 27 -3.53 -1.77 -8.35
C LEU A 27 -2.76 -2.33 -7.17
N LEU A 28 -3.46 -3.02 -6.26
CA LEU A 28 -2.83 -3.60 -5.09
C LEU A 28 -1.94 -4.78 -5.48
N ILE A 29 -2.34 -5.50 -6.52
CA ILE A 29 -1.56 -6.65 -7.00
C ILE A 29 -0.24 -6.21 -7.60
N VAL A 30 -0.31 -5.34 -8.60
CA VAL A 30 0.89 -4.84 -9.27
C VAL A 30 1.77 -4.07 -8.29
N HIS A 31 1.25 -3.81 -7.10
CA HIS A 31 2.00 -3.09 -6.08
C HIS A 31 2.66 -4.06 -5.10
N GLU A 32 1.85 -4.92 -4.49
CA GLU A 32 2.35 -5.90 -3.53
C GLU A 32 3.69 -6.47 -4.01
N ARG A 33 3.82 -6.66 -5.32
CA ARG A 33 5.04 -7.20 -5.90
C ARG A 33 6.25 -6.33 -5.55
N THR A 34 6.07 -5.02 -5.64
CA THR A 34 7.15 -4.08 -5.34
C THR A 34 7.92 -4.52 -4.10
N HIS A 35 7.27 -5.27 -3.22
CA HIS A 35 7.88 -5.76 -2.00
C HIS A 35 8.71 -7.01 -2.28
N ALA A 36 9.44 -6.99 -3.39
CA ALA A 36 10.29 -8.13 -3.77
C ALA A 36 11.70 -7.67 -4.10
N GLY A 37 12.62 -7.89 -3.17
CA GLY A 37 14.01 -7.49 -3.38
C GLY A 37 14.75 -7.24 -2.09
N VAL A 38 16.02 -6.87 -2.20
CA VAL A 38 16.84 -6.60 -1.03
C VAL A 38 16.38 -5.33 -0.31
N SER A 39 16.24 -5.41 1.01
CA SER A 39 15.81 -4.27 1.80
C SER A 39 16.08 -4.52 3.29
N GLY A 40 16.87 -3.63 3.88
CA GLY A 40 17.20 -3.77 5.29
C GLY A 40 15.96 -3.77 6.18
N PRO A 41 16.18 -3.77 7.50
CA PRO A 41 15.09 -3.79 8.48
C PRO A 41 14.32 -2.47 8.50
N SER A 42 13.02 -2.56 8.76
CA SER A 42 12.16 -1.37 8.80
C SER A 42 11.12 -1.50 9.91
N SER A 43 10.38 -0.42 10.13
CA SER A 43 9.35 -0.41 11.17
C SER A 43 8.21 0.53 10.79
N GLY A 44 6.99 0.17 11.18
CA GLY A 44 5.83 0.98 10.87
C GLY A 44 4.70 0.78 11.86
ZN ZN B . 2.67 -2.64 0.02
N GLY A 1 1.42 21.31 4.68
CA GLY A 1 1.08 21.26 6.08
C GLY A 1 -0.27 20.62 6.32
N SER A 2 -1.25 20.98 5.49
CA SER A 2 -2.60 20.45 5.61
C SER A 2 -3.32 20.47 4.26
N SER A 3 -3.53 19.28 3.69
CA SER A 3 -4.20 19.16 2.41
C SER A 3 -5.52 19.93 2.41
N GLY A 4 -6.41 19.58 3.32
CA GLY A 4 -7.70 20.25 3.41
C GLY A 4 -8.69 19.71 2.41
N SER A 5 -9.10 18.47 2.59
CA SER A 5 -10.06 17.84 1.69
C SER A 5 -11.42 17.68 2.36
N SER A 6 -12.40 17.21 1.60
CA SER A 6 -13.75 17.01 2.12
C SER A 6 -14.06 15.53 2.30
N GLY A 7 -13.59 14.96 3.39
CA GLY A 7 -13.82 13.55 3.66
C GLY A 7 -13.09 12.65 2.70
N SER A 8 -12.95 11.37 3.06
CA SER A 8 -12.26 10.41 2.22
C SER A 8 -12.75 8.99 2.51
N GLY A 9 -13.46 8.40 1.54
CA GLY A 9 -13.97 7.06 1.72
C GLY A 9 -12.87 6.04 1.91
N GLU A 10 -13.17 4.98 2.66
CA GLU A 10 -12.19 3.94 2.92
C GLU A 10 -12.08 2.98 1.74
N LYS A 11 -10.85 2.63 1.39
CA LYS A 11 -10.61 1.72 0.28
C LYS A 11 -10.85 0.28 0.69
N PRO A 12 -11.41 -0.52 -0.24
CA PRO A 12 -11.71 -1.94 0.01
C PRO A 12 -10.44 -2.79 0.10
N TYR A 13 -9.39 -2.35 -0.59
CA TYR A 13 -8.12 -3.07 -0.58
C TYR A 13 -7.03 -2.24 0.08
N GLU A 14 -6.21 -2.89 0.91
CA GLU A 14 -5.13 -2.21 1.60
C GLU A 14 -3.92 -3.13 1.75
N CYS A 15 -2.86 -2.86 1.00
CA CYS A 15 -1.65 -3.65 1.05
C CYS A 15 -1.38 -4.13 2.47
N ASN A 16 -0.68 -5.26 2.58
CA ASN A 16 -0.36 -5.83 3.89
C ASN A 16 1.11 -5.58 4.24
N GLU A 17 1.96 -5.57 3.22
CA GLU A 17 3.39 -5.35 3.42
C GLU A 17 3.64 -3.98 4.06
N CYS A 18 3.05 -2.95 3.47
CA CYS A 18 3.22 -1.58 3.97
C CYS A 18 1.90 -1.07 4.55
N GLY A 19 0.82 -1.22 3.80
CA GLY A 19 -0.47 -0.76 4.25
C GLY A 19 -1.11 0.24 3.30
N LYS A 20 -0.55 0.33 2.10
CA LYS A 20 -1.08 1.24 1.09
C LYS A 20 -2.57 1.02 0.85
N ALA A 21 -3.17 1.87 0.04
CA ALA A 21 -4.59 1.77 -0.27
C ALA A 21 -4.85 1.97 -1.75
N PHE A 22 -5.77 1.17 -2.30
CA PHE A 22 -6.10 1.25 -3.72
C PHE A 22 -7.57 0.90 -3.95
N ILE A 23 -8.30 1.82 -4.56
CA ILE A 23 -9.72 1.61 -4.84
C ILE A 23 -9.93 0.34 -5.67
N TRP A 24 -8.93 -0.02 -6.45
CA TRP A 24 -9.00 -1.21 -7.29
C TRP A 24 -8.08 -2.31 -6.77
N LYS A 25 -8.38 -3.55 -7.13
CA LYS A 25 -7.58 -4.69 -6.70
C LYS A 25 -6.28 -4.77 -7.49
N SER A 26 -6.39 -4.71 -8.82
CA SER A 26 -5.21 -4.77 -9.68
C SER A 26 -4.10 -3.88 -9.16
N LEU A 27 -4.42 -2.61 -8.93
CA LEU A 27 -3.43 -1.65 -8.43
C LEU A 27 -2.70 -2.21 -7.22
N LEU A 28 -3.43 -2.94 -6.38
CA LEU A 28 -2.84 -3.53 -5.19
C LEU A 28 -1.94 -4.70 -5.54
N ILE A 29 -2.29 -5.41 -6.62
CA ILE A 29 -1.50 -6.56 -7.06
C ILE A 29 -0.15 -6.11 -7.61
N VAL A 30 -0.18 -5.25 -8.62
CA VAL A 30 1.04 -4.74 -9.23
C VAL A 30 1.89 -4.00 -8.21
N HIS A 31 1.32 -3.74 -7.05
CA HIS A 31 2.03 -3.03 -5.99
C HIS A 31 2.64 -4.02 -4.99
N GLU A 32 1.79 -4.83 -4.38
CA GLU A 32 2.25 -5.82 -3.40
C GLU A 32 3.54 -6.48 -3.86
N ARG A 33 3.65 -6.73 -5.16
CA ARG A 33 4.84 -7.35 -5.72
C ARG A 33 6.09 -6.53 -5.42
N THR A 34 5.96 -5.21 -5.55
CA THR A 34 7.07 -4.30 -5.29
C THR A 34 7.81 -4.68 -4.01
N HIS A 35 7.12 -5.39 -3.12
CA HIS A 35 7.71 -5.82 -1.86
C HIS A 35 8.46 -7.14 -2.04
N ALA A 36 9.16 -7.28 -3.17
CA ALA A 36 9.91 -8.48 -3.46
C ALA A 36 11.30 -8.14 -3.98
N GLY A 37 12.27 -8.09 -3.08
CA GLY A 37 13.63 -7.77 -3.46
C GLY A 37 14.05 -6.37 -3.05
N VAL A 38 15.23 -6.25 -2.44
CA VAL A 38 15.74 -4.97 -2.00
C VAL A 38 16.46 -4.24 -3.13
N SER A 39 15.76 -3.28 -3.75
CA SER A 39 16.34 -2.52 -4.85
C SER A 39 16.14 -1.02 -4.63
N GLY A 40 16.70 -0.22 -5.53
CA GLY A 40 16.58 1.22 -5.42
C GLY A 40 17.22 1.76 -4.15
N PRO A 41 17.78 2.98 -4.24
CA PRO A 41 18.45 3.63 -3.11
C PRO A 41 17.46 4.06 -2.04
N SER A 42 17.62 3.49 -0.84
CA SER A 42 16.74 3.82 0.27
C SER A 42 17.53 3.96 1.57
N SER A 43 17.20 4.99 2.34
CA SER A 43 17.90 5.24 3.60
C SER A 43 18.15 3.94 4.36
N GLY A 44 17.10 3.13 4.50
CA GLY A 44 17.23 1.87 5.20
C GLY A 44 16.62 1.91 6.59
ZN ZN B . 2.78 -2.27 -0.13
N GLY A 1 -0.73 8.62 19.55
CA GLY A 1 -1.60 7.52 19.17
C GLY A 1 -2.31 7.77 17.86
N SER A 2 -2.07 6.88 16.89
CA SER A 2 -2.69 7.02 15.57
C SER A 2 -3.28 5.68 15.12
N SER A 3 -4.36 5.77 14.35
CA SER A 3 -5.04 4.56 13.85
C SER A 3 -4.23 3.93 12.72
N GLY A 4 -3.78 4.74 11.78
CA GLY A 4 -3.01 4.24 10.66
C GLY A 4 -1.85 5.15 10.28
N SER A 5 -0.66 4.60 10.22
CA SER A 5 0.54 5.37 9.89
C SER A 5 0.39 6.00 8.50
N SER A 6 0.03 5.18 7.52
CA SER A 6 -0.15 5.66 6.15
C SER A 6 -1.44 5.14 5.55
N GLY A 7 -2.46 6.00 5.52
CA GLY A 7 -3.74 5.61 4.97
C GLY A 7 -4.90 6.10 5.80
N SER A 8 -6.01 6.43 5.14
CA SER A 8 -7.20 6.92 5.83
C SER A 8 -8.11 5.76 6.25
N GLY A 9 -8.57 5.01 5.27
CA GLY A 9 -9.45 3.87 5.55
C GLY A 9 -10.74 3.93 4.76
N GLU A 10 -10.64 4.36 3.50
CA GLU A 10 -11.82 4.45 2.64
C GLU A 10 -11.60 3.71 1.33
N LYS A 11 -10.85 2.62 1.39
CA LYS A 11 -10.55 1.82 0.20
C LYS A 11 -10.88 0.36 0.45
N PRO A 12 -11.40 -0.32 -0.59
CA PRO A 12 -11.76 -1.74 -0.52
C PRO A 12 -10.54 -2.65 -0.41
N TYR A 13 -9.40 -2.14 -0.85
CA TYR A 13 -8.15 -2.90 -0.80
C TYR A 13 -7.06 -2.13 -0.07
N GLU A 14 -6.19 -2.86 0.64
CA GLU A 14 -5.11 -2.24 1.38
C GLU A 14 -3.93 -3.20 1.52
N CYS A 15 -2.78 -2.81 0.96
CA CYS A 15 -1.59 -3.63 1.03
C CYS A 15 -1.39 -4.20 2.43
N ASN A 16 -0.67 -5.33 2.51
CA ASN A 16 -0.41 -5.97 3.79
C ASN A 16 1.01 -5.68 4.26
N GLU A 17 1.94 -5.64 3.32
CA GLU A 17 3.34 -5.38 3.63
C GLU A 17 3.50 -4.01 4.29
N CYS A 18 3.13 -2.96 3.55
CA CYS A 18 3.24 -1.60 4.06
C CYS A 18 1.91 -1.12 4.62
N GLY A 19 0.83 -1.32 3.85
CA GLY A 19 -0.49 -0.91 4.29
C GLY A 19 -1.12 0.10 3.35
N LYS A 20 -0.56 0.22 2.16
CA LYS A 20 -1.07 1.16 1.17
C LYS A 20 -2.57 0.98 0.98
N ALA A 21 -3.20 1.95 0.32
CA ALA A 21 -4.63 1.89 0.07
C ALA A 21 -4.94 2.13 -1.41
N PHE A 22 -5.65 1.19 -2.03
CA PHE A 22 -6.01 1.30 -3.43
C PHE A 22 -7.51 1.09 -3.62
N ILE A 23 -8.06 1.75 -4.64
CA ILE A 23 -9.49 1.63 -4.94
C ILE A 23 -9.79 0.34 -5.70
N TRP A 24 -8.84 -0.08 -6.53
CA TRP A 24 -9.01 -1.30 -7.31
C TRP A 24 -8.06 -2.39 -6.82
N LYS A 25 -8.49 -3.64 -6.92
CA LYS A 25 -7.68 -4.77 -6.50
C LYS A 25 -6.38 -4.83 -7.28
N SER A 26 -6.49 -5.00 -8.60
CA SER A 26 -5.32 -5.08 -9.46
C SER A 26 -4.22 -4.15 -8.96
N LEU A 27 -4.57 -2.88 -8.79
CA LEU A 27 -3.61 -1.88 -8.32
C LEU A 27 -2.80 -2.42 -7.14
N LEU A 28 -3.48 -3.07 -6.20
CA LEU A 28 -2.83 -3.65 -5.03
C LEU A 28 -1.87 -4.76 -5.43
N ILE A 29 -2.24 -5.51 -6.45
CA ILE A 29 -1.42 -6.62 -6.93
C ILE A 29 -0.11 -6.11 -7.53
N VAL A 30 -0.22 -5.27 -8.55
CA VAL A 30 0.95 -4.70 -9.20
C VAL A 30 1.83 -3.95 -8.21
N HIS A 31 1.29 -3.71 -7.02
CA HIS A 31 2.03 -3.00 -5.98
C HIS A 31 2.73 -3.98 -5.04
N GLU A 32 1.95 -4.86 -4.41
CA GLU A 32 2.49 -5.84 -3.50
C GLU A 32 3.81 -6.39 -4.01
N ARG A 33 3.90 -6.61 -5.32
CA ARG A 33 5.11 -7.12 -5.93
C ARG A 33 6.30 -6.23 -5.63
N THR A 34 6.10 -4.91 -5.73
CA THR A 34 7.16 -3.95 -5.47
C THR A 34 7.94 -4.32 -4.21
N HIS A 35 7.31 -5.08 -3.33
CA HIS A 35 7.93 -5.50 -2.09
C HIS A 35 8.86 -6.69 -2.32
N ALA A 36 8.42 -7.63 -3.15
CA ALA A 36 9.20 -8.81 -3.46
C ALA A 36 10.65 -8.44 -3.75
N GLY A 37 11.52 -8.64 -2.76
CA GLY A 37 12.93 -8.31 -2.93
C GLY A 37 13.83 -9.22 -2.13
N VAL A 38 13.66 -9.20 -0.81
CA VAL A 38 14.47 -10.03 0.08
C VAL A 38 14.75 -11.40 -0.54
N SER A 39 15.98 -11.86 -0.42
CA SER A 39 16.37 -13.16 -0.97
C SER A 39 16.17 -14.26 0.06
N GLY A 40 14.92 -14.74 0.17
CA GLY A 40 14.62 -15.80 1.12
C GLY A 40 15.33 -17.10 0.78
N PRO A 41 14.65 -17.94 -0.01
CA PRO A 41 15.19 -19.24 -0.43
C PRO A 41 16.36 -19.10 -1.41
N SER A 42 17.52 -19.63 -1.02
CA SER A 42 18.71 -19.56 -1.85
C SER A 42 18.56 -20.44 -3.09
N SER A 43 18.08 -21.66 -2.88
CA SER A 43 17.89 -22.62 -3.98
C SER A 43 16.54 -22.40 -4.65
N GLY A 44 16.56 -22.25 -5.97
CA GLY A 44 15.34 -22.05 -6.72
C GLY A 44 15.37 -20.79 -7.56
ZN ZN B . 2.91 -2.31 -0.05
N GLY A 1 -9.73 22.02 16.46
CA GLY A 1 -9.10 20.76 16.85
C GLY A 1 -8.10 20.28 15.83
N SER A 2 -8.22 19.01 15.44
CA SER A 2 -7.31 18.42 14.46
C SER A 2 -8.06 17.49 13.50
N SER A 3 -7.92 17.76 12.21
CA SER A 3 -8.58 16.96 11.19
C SER A 3 -7.56 16.24 10.32
N GLY A 4 -7.88 15.01 9.94
CA GLY A 4 -6.98 14.23 9.11
C GLY A 4 -7.70 13.58 7.93
N SER A 5 -7.35 14.00 6.72
CA SER A 5 -7.98 13.46 5.52
C SER A 5 -7.17 12.28 4.99
N SER A 6 -5.92 12.53 4.64
CA SER A 6 -5.03 11.50 4.11
C SER A 6 -5.79 10.58 3.16
N GLY A 7 -6.64 11.18 2.31
CA GLY A 7 -7.41 10.41 1.35
C GLY A 7 -8.84 10.21 1.81
N SER A 8 -9.74 11.04 1.27
CA SER A 8 -11.15 10.95 1.62
C SER A 8 -11.69 9.55 1.38
N GLY A 9 -12.87 9.27 1.93
CA GLY A 9 -13.47 7.96 1.75
C GLY A 9 -12.56 6.83 2.19
N GLU A 10 -13.04 5.59 2.05
CA GLU A 10 -12.26 4.43 2.44
C GLU A 10 -12.13 3.45 1.28
N LYS A 11 -10.98 2.78 1.19
CA LYS A 11 -10.72 1.81 0.14
C LYS A 11 -10.85 0.39 0.67
N PRO A 12 -11.41 -0.50 -0.17
CA PRO A 12 -11.59 -1.91 0.19
C PRO A 12 -10.27 -2.66 0.28
N TYR A 13 -9.36 -2.37 -0.64
CA TYR A 13 -8.05 -3.02 -0.67
C TYR A 13 -7.01 -2.19 0.07
N GLU A 14 -6.11 -2.87 0.78
CA GLU A 14 -5.06 -2.18 1.53
C GLU A 14 -3.85 -3.09 1.71
N CYS A 15 -2.78 -2.79 1.00
CA CYS A 15 -1.55 -3.58 1.08
C CYS A 15 -1.34 -4.10 2.50
N ASN A 16 -0.67 -5.25 2.60
CA ASN A 16 -0.40 -5.85 3.89
C ASN A 16 1.06 -5.66 4.30
N GLU A 17 1.93 -5.53 3.31
CA GLU A 17 3.35 -5.33 3.56
C GLU A 17 3.61 -3.96 4.17
N CYS A 18 3.02 -2.93 3.57
CA CYS A 18 3.19 -1.57 4.05
C CYS A 18 1.88 -1.04 4.64
N GLY A 19 0.78 -1.27 3.93
CA GLY A 19 -0.51 -0.80 4.40
C GLY A 19 -1.14 0.21 3.47
N LYS A 20 -0.60 0.32 2.26
CA LYS A 20 -1.11 1.26 1.26
C LYS A 20 -2.60 1.03 1.02
N ALA A 21 -3.19 1.88 0.19
CA ALA A 21 -4.62 1.77 -0.13
C ALA A 21 -4.84 1.91 -1.63
N PHE A 22 -5.92 1.30 -2.12
CA PHE A 22 -6.25 1.36 -3.54
C PHE A 22 -7.73 1.01 -3.76
N ILE A 23 -8.37 1.75 -4.66
CA ILE A 23 -9.77 1.54 -4.97
C ILE A 23 -9.96 0.28 -5.82
N TRP A 24 -8.93 -0.08 -6.57
CA TRP A 24 -8.98 -1.26 -7.42
C TRP A 24 -8.05 -2.35 -6.90
N LYS A 25 -8.40 -3.60 -7.19
CA LYS A 25 -7.60 -4.74 -6.75
C LYS A 25 -6.28 -4.80 -7.50
N SER A 26 -6.35 -4.77 -8.83
CA SER A 26 -5.15 -4.82 -9.67
C SER A 26 -4.09 -3.87 -9.15
N LEU A 27 -4.47 -2.61 -8.95
CA LEU A 27 -3.55 -1.60 -8.46
C LEU A 27 -2.73 -2.12 -7.28
N LEU A 28 -3.39 -2.90 -6.42
CA LEU A 28 -2.74 -3.46 -5.24
C LEU A 28 -1.77 -4.57 -5.65
N ILE A 29 -2.26 -5.50 -6.47
CA ILE A 29 -1.44 -6.62 -6.92
C ILE A 29 -0.09 -6.13 -7.43
N VAL A 30 -0.12 -5.27 -8.44
CA VAL A 30 1.10 -4.73 -9.02
C VAL A 30 1.94 -4.00 -7.96
N HIS A 31 1.29 -3.62 -6.87
CA HIS A 31 1.97 -2.93 -5.79
C HIS A 31 2.53 -3.91 -4.77
N GLU A 32 1.90 -5.07 -4.66
CA GLU A 32 2.34 -6.10 -3.74
C GLU A 32 3.61 -6.79 -4.23
N ARG A 33 3.74 -6.86 -5.56
CA ARG A 33 4.91 -7.49 -6.16
C ARG A 33 6.17 -6.68 -5.90
N THR A 34 6.02 -5.36 -5.86
CA THR A 34 7.15 -4.47 -5.62
C THR A 34 7.77 -4.73 -4.26
N HIS A 35 7.02 -5.41 -3.39
CA HIS A 35 7.50 -5.71 -2.05
C HIS A 35 8.34 -6.99 -2.05
N ALA A 36 9.08 -7.20 -3.13
CA ALA A 36 9.91 -8.38 -3.27
C ALA A 36 11.39 -8.01 -3.42
N GLY A 37 11.65 -7.07 -4.31
CA GLY A 37 13.02 -6.63 -4.54
C GLY A 37 13.85 -7.64 -5.31
N VAL A 38 14.86 -7.17 -6.01
CA VAL A 38 15.73 -8.04 -6.79
C VAL A 38 16.43 -9.06 -5.90
N SER A 39 16.06 -10.33 -6.06
CA SER A 39 16.65 -11.41 -5.27
C SER A 39 16.98 -10.92 -3.86
N GLY A 40 16.06 -10.16 -3.27
CA GLY A 40 16.26 -9.65 -1.93
C GLY A 40 16.84 -10.69 -1.00
N PRO A 41 16.02 -11.70 -0.66
CA PRO A 41 16.42 -12.78 0.24
C PRO A 41 17.45 -13.71 -0.39
N SER A 42 18.67 -13.68 0.14
CA SER A 42 19.74 -14.52 -0.37
C SER A 42 19.92 -15.76 0.48
N SER A 43 19.08 -16.76 0.23
CA SER A 43 19.14 -18.02 0.98
C SER A 43 19.90 -19.08 0.20
N GLY A 44 19.62 -19.17 -1.10
CA GLY A 44 20.28 -20.15 -1.94
C GLY A 44 20.23 -19.79 -3.40
ZN ZN B . 2.77 -2.05 -0.19
N GLY A 1 0.01 28.87 6.63
CA GLY A 1 -1.24 28.18 6.40
C GLY A 1 -1.16 26.70 6.72
N SER A 2 -1.83 26.29 7.80
CA SER A 2 -1.81 24.89 8.21
C SER A 2 -3.05 24.18 7.70
N SER A 3 -2.88 23.40 6.63
CA SER A 3 -3.99 22.66 6.04
C SER A 3 -3.55 21.24 5.67
N GLY A 4 -4.50 20.44 5.17
CA GLY A 4 -4.19 19.08 4.79
C GLY A 4 -5.43 18.22 4.68
N SER A 5 -5.61 17.59 3.52
CA SER A 5 -6.77 16.73 3.29
C SER A 5 -6.33 15.29 3.04
N SER A 6 -6.52 14.44 4.05
CA SER A 6 -6.15 13.03 3.96
C SER A 6 -7.29 12.14 4.44
N GLY A 7 -7.61 11.12 3.65
CA GLY A 7 -8.67 10.20 4.01
C GLY A 7 -9.95 10.46 3.22
N SER A 8 -11.02 10.79 3.93
CA SER A 8 -12.30 11.06 3.30
C SER A 8 -12.53 10.11 2.13
N GLY A 9 -12.19 8.84 2.33
CA GLY A 9 -12.37 7.85 1.27
C GLY A 9 -11.64 6.55 1.56
N GLU A 10 -12.35 5.61 2.18
CA GLU A 10 -11.75 4.32 2.52
C GLU A 10 -11.71 3.41 1.29
N LYS A 11 -10.64 2.61 1.20
CA LYS A 11 -10.47 1.70 0.08
C LYS A 11 -10.76 0.27 0.51
N PRO A 12 -11.37 -0.52 -0.40
CA PRO A 12 -11.71 -1.92 -0.15
C PRO A 12 -10.48 -2.80 -0.07
N TYR A 13 -9.35 -2.29 -0.55
CA TYR A 13 -8.10 -3.04 -0.55
C TYR A 13 -6.98 -2.23 0.09
N GLU A 14 -6.28 -2.83 1.03
CA GLU A 14 -5.18 -2.17 1.72
C GLU A 14 -4.00 -3.12 1.91
N CYS A 15 -2.91 -2.83 1.20
CA CYS A 15 -1.71 -3.66 1.28
C CYS A 15 -1.48 -4.14 2.71
N ASN A 16 -0.80 -5.28 2.85
CA ASN A 16 -0.51 -5.84 4.16
C ASN A 16 0.95 -5.63 4.53
N GLU A 17 1.82 -5.64 3.52
CA GLU A 17 3.25 -5.45 3.74
C GLU A 17 3.53 -4.07 4.32
N CYS A 18 2.96 -3.05 3.70
CA CYS A 18 3.16 -1.68 4.16
C CYS A 18 1.86 -1.10 4.73
N GLY A 19 0.78 -1.25 3.98
CA GLY A 19 -0.51 -0.74 4.42
C GLY A 19 -1.09 0.27 3.46
N LYS A 20 -0.57 0.31 2.24
CA LYS A 20 -1.05 1.25 1.23
C LYS A 20 -2.54 1.08 1.01
N ALA A 21 -3.11 1.93 0.16
CA ALA A 21 -4.53 1.89 -0.15
C ALA A 21 -4.78 2.07 -1.64
N PHE A 22 -5.71 1.30 -2.18
CA PHE A 22 -6.05 1.38 -3.60
C PHE A 22 -7.53 1.10 -3.83
N ILE A 23 -8.12 1.84 -4.76
CA ILE A 23 -9.54 1.68 -5.07
C ILE A 23 -9.77 0.43 -5.92
N TRP A 24 -8.79 0.09 -6.74
CA TRP A 24 -8.88 -1.08 -7.60
C TRP A 24 -7.96 -2.20 -7.11
N LYS A 25 -8.48 -3.42 -7.11
CA LYS A 25 -7.70 -4.58 -6.67
C LYS A 25 -6.42 -4.73 -7.51
N SER A 26 -6.58 -4.72 -8.82
CA SER A 26 -5.45 -4.85 -9.73
C SER A 26 -4.27 -3.99 -9.27
N LEU A 27 -4.58 -2.77 -8.84
CA LEU A 27 -3.55 -1.85 -8.38
C LEU A 27 -2.78 -2.44 -7.19
N LEU A 28 -3.51 -3.07 -6.27
CA LEU A 28 -2.90 -3.68 -5.09
C LEU A 28 -1.96 -4.80 -5.49
N ILE A 29 -2.32 -5.51 -6.56
CA ILE A 29 -1.50 -6.62 -7.05
C ILE A 29 -0.16 -6.13 -7.57
N VAL A 30 -0.19 -5.34 -8.63
CA VAL A 30 1.03 -4.79 -9.22
C VAL A 30 1.91 -4.13 -8.16
N HIS A 31 1.30 -3.81 -7.03
CA HIS A 31 2.03 -3.18 -5.93
C HIS A 31 2.66 -4.23 -5.01
N GLU A 32 1.81 -5.07 -4.43
CA GLU A 32 2.27 -6.12 -3.54
C GLU A 32 3.62 -6.68 -4.01
N ARG A 33 3.72 -6.94 -5.30
CA ARG A 33 4.94 -7.48 -5.87
C ARG A 33 6.13 -6.54 -5.60
N THR A 34 5.90 -5.25 -5.77
CA THR A 34 6.95 -4.27 -5.55
C THR A 34 7.74 -4.57 -4.28
N HIS A 35 7.12 -5.32 -3.37
CA HIS A 35 7.76 -5.68 -2.11
C HIS A 35 8.66 -6.90 -2.30
N ALA A 36 9.36 -6.95 -3.43
CA ALA A 36 10.26 -8.06 -3.72
C ALA A 36 11.63 -7.56 -4.16
N GLY A 37 12.52 -7.36 -3.19
CA GLY A 37 13.86 -6.88 -3.49
C GLY A 37 14.13 -5.52 -2.91
N VAL A 38 14.57 -5.49 -1.66
CA VAL A 38 14.87 -4.24 -0.97
C VAL A 38 16.11 -4.37 -0.11
N SER A 39 17.08 -3.48 -0.32
CA SER A 39 18.32 -3.50 0.44
C SER A 39 18.04 -3.46 1.94
N GLY A 40 18.88 -4.15 2.71
CA GLY A 40 18.70 -4.18 4.15
C GLY A 40 19.94 -4.65 4.88
N PRO A 41 20.07 -5.97 5.07
CA PRO A 41 21.22 -6.57 5.76
C PRO A 41 22.49 -6.47 4.93
N SER A 42 22.40 -5.83 3.77
CA SER A 42 23.55 -5.67 2.89
C SER A 42 24.29 -4.38 3.20
N SER A 43 25.52 -4.26 2.69
CA SER A 43 26.34 -3.08 2.91
C SER A 43 25.60 -1.82 2.44
N GLY A 44 25.01 -1.11 3.40
CA GLY A 44 24.29 0.10 3.07
C GLY A 44 25.13 1.36 3.25
ZN ZN B . 2.69 -2.59 0.15
N GLY A 1 -5.69 10.36 3.79
CA GLY A 1 -5.13 11.04 4.94
C GLY A 1 -6.19 11.58 5.88
N SER A 2 -5.99 12.80 6.35
CA SER A 2 -6.93 13.43 7.27
C SER A 2 -7.88 14.36 6.51
N SER A 3 -7.32 15.19 5.64
CA SER A 3 -8.09 16.14 4.86
C SER A 3 -7.67 16.11 3.39
N GLY A 4 -8.63 15.81 2.51
CA GLY A 4 -8.35 15.76 1.09
C GLY A 4 -9.56 15.38 0.27
N SER A 5 -10.13 16.36 -0.42
CA SER A 5 -11.30 16.13 -1.25
C SER A 5 -10.94 15.33 -2.51
N SER A 6 -10.08 15.92 -3.33
CA SER A 6 -9.65 15.27 -4.57
C SER A 6 -9.35 13.79 -4.32
N GLY A 7 -9.78 12.95 -5.25
CA GLY A 7 -9.55 11.52 -5.11
C GLY A 7 -10.33 10.90 -3.98
N SER A 8 -10.15 9.59 -3.78
CA SER A 8 -10.85 8.88 -2.71
C SER A 8 -9.94 8.69 -1.50
N GLY A 9 -10.56 8.44 -0.34
CA GLY A 9 -9.78 8.24 0.86
C GLY A 9 -9.91 6.84 1.41
N GLU A 10 -11.14 6.32 1.41
CA GLU A 10 -11.40 4.97 1.92
C GLU A 10 -11.30 3.94 0.79
N LYS A 11 -10.33 3.05 0.90
CA LYS A 11 -10.13 2.02 -0.11
C LYS A 11 -10.41 0.63 0.47
N PRO A 12 -11.12 -0.21 -0.30
CA PRO A 12 -11.47 -1.57 0.11
C PRO A 12 -10.26 -2.49 0.16
N TYR A 13 -9.26 -2.18 -0.65
CA TYR A 13 -8.03 -2.98 -0.70
C TYR A 13 -6.87 -2.26 -0.03
N GLU A 14 -6.31 -2.87 1.00
CA GLU A 14 -5.19 -2.28 1.72
C GLU A 14 -4.04 -3.27 1.85
N CYS A 15 -2.89 -2.91 1.28
CA CYS A 15 -1.71 -3.77 1.32
C CYS A 15 -1.46 -4.27 2.73
N ASN A 16 -0.78 -5.41 2.85
CA ASN A 16 -0.47 -6.01 4.13
C ASN A 16 0.98 -5.74 4.53
N GLU A 17 1.84 -5.61 3.53
CA GLU A 17 3.26 -5.35 3.76
C GLU A 17 3.46 -3.95 4.35
N CYS A 18 3.06 -2.93 3.59
CA CYS A 18 3.21 -1.55 4.02
C CYS A 18 1.89 -1.03 4.60
N GLY A 19 0.80 -1.28 3.89
CA GLY A 19 -0.50 -0.83 4.35
C GLY A 19 -1.15 0.16 3.38
N LYS A 20 -0.62 0.22 2.17
CA LYS A 20 -1.14 1.14 1.16
C LYS A 20 -2.64 0.92 0.96
N ALA A 21 -3.25 1.77 0.13
CA ALA A 21 -4.67 1.66 -0.15
C ALA A 21 -4.96 1.89 -1.62
N PHE A 22 -5.87 1.11 -2.17
CA PHE A 22 -6.24 1.22 -3.58
C PHE A 22 -7.73 0.91 -3.78
N ILE A 23 -8.37 1.66 -4.68
CA ILE A 23 -9.78 1.48 -4.97
C ILE A 23 -10.01 0.18 -5.74
N TRP A 24 -9.02 -0.20 -6.55
CA TRP A 24 -9.12 -1.42 -7.35
C TRP A 24 -8.11 -2.46 -6.88
N LYS A 25 -8.50 -3.73 -6.97
CA LYS A 25 -7.62 -4.82 -6.55
C LYS A 25 -6.37 -4.88 -7.43
N SER A 26 -6.57 -4.84 -8.74
CA SER A 26 -5.47 -4.89 -9.69
C SER A 26 -4.35 -3.96 -9.26
N LEU A 27 -4.71 -2.74 -8.85
CA LEU A 27 -3.74 -1.75 -8.41
C LEU A 27 -2.90 -2.29 -7.25
N LEU A 28 -3.53 -3.07 -6.38
CA LEU A 28 -2.85 -3.65 -5.23
C LEU A 28 -1.89 -4.75 -5.65
N ILE A 29 -2.26 -5.47 -6.71
CA ILE A 29 -1.45 -6.56 -7.23
C ILE A 29 -0.12 -6.03 -7.77
N VAL A 30 -0.21 -5.16 -8.77
CA VAL A 30 0.98 -4.58 -9.39
C VAL A 30 1.82 -3.83 -8.37
N HIS A 31 1.25 -3.62 -7.17
CA HIS A 31 1.95 -2.93 -6.11
C HIS A 31 2.66 -3.91 -5.19
N GLU A 32 1.91 -4.86 -4.64
CA GLU A 32 2.47 -5.86 -3.75
C GLU A 32 3.83 -6.34 -4.25
N ARG A 33 3.94 -6.51 -5.56
CA ARG A 33 5.18 -6.97 -6.17
C ARG A 33 6.38 -6.20 -5.63
N THR A 34 6.25 -4.87 -5.60
CA THR A 34 7.32 -4.01 -5.11
C THR A 34 8.00 -4.63 -3.89
N HIS A 35 7.21 -5.26 -3.02
CA HIS A 35 7.74 -5.90 -1.82
C HIS A 35 8.32 -7.27 -2.14
N ALA A 36 9.17 -7.33 -3.17
CA ALA A 36 9.79 -8.58 -3.58
C ALA A 36 11.31 -8.47 -3.59
N GLY A 37 11.85 -7.77 -2.59
CA GLY A 37 13.29 -7.60 -2.51
C GLY A 37 13.81 -7.77 -1.10
N VAL A 38 15.12 -7.61 -0.93
CA VAL A 38 15.74 -7.74 0.38
C VAL A 38 16.51 -6.48 0.75
N SER A 39 16.40 -6.08 2.02
CA SER A 39 17.08 -4.89 2.51
C SER A 39 18.11 -5.24 3.58
N GLY A 40 19.13 -4.40 3.71
CA GLY A 40 20.16 -4.65 4.69
C GLY A 40 20.78 -3.37 5.22
N PRO A 41 21.12 -3.36 6.52
CA PRO A 41 21.71 -2.19 7.18
C PRO A 41 23.14 -1.93 6.71
N SER A 42 23.97 -2.98 6.73
CA SER A 42 25.35 -2.86 6.30
C SER A 42 25.46 -2.14 4.96
N SER A 43 26.49 -1.30 4.82
CA SER A 43 26.69 -0.55 3.59
C SER A 43 27.07 -1.49 2.44
N GLY A 44 27.96 -2.44 2.72
CA GLY A 44 28.38 -3.37 1.70
C GLY A 44 29.83 -3.80 1.87
ZN ZN B . 2.66 -2.44 -0.01
N GLY A 1 -4.78 29.21 14.51
CA GLY A 1 -4.16 28.26 13.60
C GLY A 1 -5.18 27.52 12.76
N SER A 2 -4.76 27.11 11.56
CA SER A 2 -5.65 26.39 10.65
C SER A 2 -5.18 24.94 10.49
N SER A 3 -6.15 24.02 10.46
CA SER A 3 -5.85 22.61 10.30
C SER A 3 -6.86 21.93 9.39
N GLY A 4 -6.51 20.75 8.89
CA GLY A 4 -7.40 20.02 8.01
C GLY A 4 -6.79 18.72 7.51
N SER A 5 -7.56 17.97 6.73
CA SER A 5 -7.09 16.70 6.20
C SER A 5 -7.53 16.51 4.75
N SER A 6 -6.71 15.83 3.97
CA SER A 6 -7.02 15.59 2.56
C SER A 6 -7.32 14.11 2.32
N GLY A 7 -8.46 13.84 1.69
CA GLY A 7 -8.85 12.48 1.40
C GLY A 7 -10.06 12.04 2.20
N SER A 8 -11.18 11.88 1.50
CA SER A 8 -12.42 11.46 2.15
C SER A 8 -12.99 10.21 1.48
N GLY A 9 -12.65 9.05 2.04
CA GLY A 9 -13.14 7.80 1.49
C GLY A 9 -12.32 6.61 1.95
N GLU A 10 -12.95 5.44 1.99
CA GLU A 10 -12.28 4.22 2.42
C GLU A 10 -12.05 3.27 1.24
N LYS A 11 -10.86 2.71 1.17
CA LYS A 11 -10.52 1.78 0.10
C LYS A 11 -10.78 0.34 0.52
N PRO A 12 -11.37 -0.45 -0.40
CA PRO A 12 -11.67 -1.86 -0.14
C PRO A 12 -10.41 -2.73 -0.06
N TYR A 13 -9.33 -2.24 -0.65
CA TYR A 13 -8.07 -2.96 -0.64
C TYR A 13 -7.00 -2.19 0.12
N GLU A 14 -6.18 -2.91 0.88
CA GLU A 14 -5.12 -2.30 1.66
C GLU A 14 -3.95 -3.26 1.84
N CYS A 15 -2.82 -2.95 1.20
CA CYS A 15 -1.63 -3.79 1.30
C CYS A 15 -1.43 -4.28 2.73
N ASN A 16 -0.72 -5.39 2.86
CA ASN A 16 -0.43 -5.97 4.18
C ASN A 16 1.00 -5.68 4.60
N GLU A 17 1.90 -5.61 3.62
CA GLU A 17 3.31 -5.34 3.90
C GLU A 17 3.50 -3.93 4.43
N CYS A 18 3.05 -2.94 3.66
CA CYS A 18 3.18 -1.55 4.05
C CYS A 18 1.86 -1.02 4.61
N GLY A 19 0.77 -1.30 3.91
CA GLY A 19 -0.53 -0.85 4.36
C GLY A 19 -1.15 0.17 3.41
N LYS A 20 -0.63 0.24 2.20
CA LYS A 20 -1.13 1.17 1.19
C LYS A 20 -2.63 0.99 0.98
N ALA A 21 -3.21 1.83 0.14
CA ALA A 21 -4.64 1.76 -0.16
C ALA A 21 -4.92 2.04 -1.62
N PHE A 22 -5.76 1.23 -2.23
CA PHE A 22 -6.10 1.39 -3.64
C PHE A 22 -7.59 1.13 -3.87
N ILE A 23 -8.18 1.88 -4.80
CA ILE A 23 -9.60 1.73 -5.12
C ILE A 23 -9.86 0.46 -5.91
N TRP A 24 -8.84 0.00 -6.62
CA TRP A 24 -8.96 -1.22 -7.42
C TRP A 24 -8.04 -2.30 -6.91
N LYS A 25 -8.42 -3.56 -7.12
CA LYS A 25 -7.61 -4.69 -6.68
C LYS A 25 -6.30 -4.76 -7.45
N SER A 26 -6.40 -4.88 -8.77
CA SER A 26 -5.22 -4.95 -9.64
C SER A 26 -4.10 -4.05 -9.11
N LEU A 27 -4.45 -2.79 -8.84
CA LEU A 27 -3.49 -1.82 -8.33
C LEU A 27 -2.72 -2.39 -7.15
N LEU A 28 -3.43 -3.07 -6.26
CA LEU A 28 -2.80 -3.67 -5.08
C LEU A 28 -1.86 -4.80 -5.48
N ILE A 29 -2.25 -5.57 -6.49
CA ILE A 29 -1.44 -6.68 -6.97
C ILE A 29 -0.12 -6.18 -7.54
N VAL A 30 -0.19 -5.36 -8.58
CA VAL A 30 0.99 -4.81 -9.22
C VAL A 30 1.82 -3.99 -8.24
N HIS A 31 1.25 -3.74 -7.06
CA HIS A 31 1.93 -2.96 -6.03
C HIS A 31 2.68 -3.88 -5.07
N GLU A 32 1.94 -4.77 -4.42
CA GLU A 32 2.55 -5.70 -3.47
C GLU A 32 3.84 -6.30 -4.03
N ARG A 33 3.83 -6.61 -5.32
CA ARG A 33 4.99 -7.17 -5.98
C ARG A 33 6.23 -6.31 -5.75
N THR A 34 6.04 -5.00 -5.74
CA THR A 34 7.14 -4.06 -5.53
C THR A 34 7.91 -4.40 -4.26
N HIS A 35 7.28 -5.17 -3.38
CA HIS A 35 7.91 -5.57 -2.13
C HIS A 35 8.91 -6.70 -2.36
N ALA A 36 8.54 -7.65 -3.21
CA ALA A 36 9.41 -8.77 -3.52
C ALA A 36 10.52 -8.37 -4.48
N GLY A 37 11.75 -8.77 -4.16
CA GLY A 37 12.88 -8.44 -5.01
C GLY A 37 13.93 -7.60 -4.29
N VAL A 38 13.67 -6.30 -4.19
CA VAL A 38 14.60 -5.39 -3.52
C VAL A 38 14.94 -5.90 -2.12
N SER A 39 16.23 -6.11 -1.87
CA SER A 39 16.69 -6.60 -0.58
C SER A 39 16.12 -5.74 0.55
N GLY A 40 15.81 -6.38 1.67
CA GLY A 40 15.27 -5.66 2.81
C GLY A 40 16.19 -5.71 4.02
N PRO A 41 15.91 -4.85 5.01
CA PRO A 41 16.71 -4.78 6.24
C PRO A 41 16.53 -6.02 7.13
N SER A 42 15.31 -6.54 7.14
CA SER A 42 14.99 -7.71 7.96
C SER A 42 14.91 -8.97 7.09
N SER A 43 14.04 -8.93 6.08
CA SER A 43 13.87 -10.06 5.18
C SER A 43 13.63 -9.58 3.76
N GLY A 44 14.54 -9.94 2.86
CA GLY A 44 14.42 -9.54 1.46
C GLY A 44 15.58 -10.00 0.62
ZN ZN B . 2.69 -2.49 -0.02
N GLY A 1 -5.97 18.28 22.38
CA GLY A 1 -7.30 18.30 21.81
C GLY A 1 -7.69 16.96 21.21
N SER A 2 -8.58 16.99 20.22
CA SER A 2 -9.03 15.77 19.56
C SER A 2 -9.74 16.10 18.25
N SER A 3 -9.51 15.27 17.24
CA SER A 3 -10.12 15.48 15.92
C SER A 3 -10.26 14.15 15.18
N GLY A 4 -11.13 14.12 14.18
CA GLY A 4 -11.33 12.91 13.40
C GLY A 4 -12.77 12.74 12.96
N SER A 5 -13.46 11.75 13.53
CA SER A 5 -14.85 11.48 13.19
C SER A 5 -15.04 11.50 11.68
N SER A 6 -14.10 10.90 10.95
CA SER A 6 -14.17 10.85 9.50
C SER A 6 -14.33 9.41 9.01
N GLY A 7 -15.52 9.11 8.48
CA GLY A 7 -15.78 7.77 7.99
C GLY A 7 -16.85 7.75 6.91
N SER A 8 -16.55 8.38 5.78
CA SER A 8 -17.50 8.44 4.67
C SER A 8 -16.86 7.91 3.39
N GLY A 9 -16.12 6.81 3.52
CA GLY A 9 -15.47 6.22 2.37
C GLY A 9 -14.07 5.72 2.68
N GLU A 10 -13.81 4.46 2.35
CA GLU A 10 -12.51 3.86 2.60
C GLU A 10 -12.18 2.80 1.54
N LYS A 11 -10.92 2.76 1.12
CA LYS A 11 -10.47 1.81 0.12
C LYS A 11 -10.74 0.38 0.58
N PRO A 12 -11.26 -0.46 -0.34
CA PRO A 12 -11.57 -1.86 -0.05
C PRO A 12 -10.31 -2.70 0.15
N TYR A 13 -9.27 -2.40 -0.61
CA TYR A 13 -8.02 -3.13 -0.51
C TYR A 13 -6.95 -2.29 0.19
N GLU A 14 -6.12 -2.94 1.00
CA GLU A 14 -5.05 -2.25 1.72
C GLU A 14 -3.84 -3.16 1.88
N CYS A 15 -2.79 -2.85 1.14
CA CYS A 15 -1.56 -3.64 1.20
C CYS A 15 -1.29 -4.12 2.62
N ASN A 16 -0.58 -5.24 2.73
CA ASN A 16 -0.26 -5.82 4.04
C ASN A 16 1.21 -5.59 4.38
N GLU A 17 2.04 -5.49 3.35
CA GLU A 17 3.48 -5.27 3.54
C GLU A 17 3.74 -3.88 4.13
N CYS A 18 3.10 -2.87 3.55
CA CYS A 18 3.26 -1.50 4.02
C CYS A 18 1.96 -0.97 4.62
N GLY A 19 0.85 -1.21 3.93
CA GLY A 19 -0.44 -0.75 4.41
C GLY A 19 -1.10 0.23 3.46
N LYS A 20 -0.57 0.32 2.24
CA LYS A 20 -1.10 1.22 1.24
C LYS A 20 -2.60 0.98 1.04
N ALA A 21 -3.23 1.85 0.24
CA ALA A 21 -4.65 1.72 -0.04
C ALA A 21 -4.95 1.99 -1.51
N PHE A 22 -5.75 1.12 -2.11
CA PHE A 22 -6.11 1.25 -3.52
C PHE A 22 -7.60 1.02 -3.72
N ILE A 23 -8.17 1.67 -4.73
CA ILE A 23 -9.59 1.53 -5.03
C ILE A 23 -9.85 0.29 -5.87
N TRP A 24 -8.83 -0.13 -6.62
CA TRP A 24 -8.96 -1.31 -7.47
C TRP A 24 -8.01 -2.41 -7.01
N LYS A 25 -8.41 -3.66 -7.22
CA LYS A 25 -7.60 -4.80 -6.84
C LYS A 25 -6.32 -4.87 -7.66
N SER A 26 -6.48 -4.85 -8.99
CA SER A 26 -5.33 -4.91 -9.90
C SER A 26 -4.23 -3.95 -9.45
N LEU A 27 -4.64 -2.79 -8.94
CA LEU A 27 -3.69 -1.79 -8.47
C LEU A 27 -2.91 -2.29 -7.26
N LEU A 28 -3.57 -3.06 -6.41
CA LEU A 28 -2.93 -3.62 -5.22
C LEU A 28 -1.96 -4.73 -5.59
N ILE A 29 -2.25 -5.41 -6.70
CA ILE A 29 -1.39 -6.50 -7.17
C ILE A 29 -0.07 -5.97 -7.70
N VAL A 30 -0.14 -5.09 -8.69
CA VAL A 30 1.06 -4.51 -9.28
C VAL A 30 1.89 -3.77 -8.23
N HIS A 31 1.29 -3.55 -7.06
CA HIS A 31 1.98 -2.86 -5.98
C HIS A 31 2.58 -3.86 -4.99
N GLU A 32 1.75 -4.75 -4.48
CA GLU A 32 2.20 -5.75 -3.52
C GLU A 32 3.47 -6.44 -4.02
N ARG A 33 3.58 -6.59 -5.34
CA ARG A 33 4.75 -7.23 -5.93
C ARG A 33 6.02 -6.44 -5.62
N THR A 34 5.88 -5.12 -5.55
CA THR A 34 7.02 -4.26 -5.26
C THR A 34 7.72 -4.67 -3.97
N HIS A 35 7.03 -5.47 -3.16
CA HIS A 35 7.60 -5.94 -1.90
C HIS A 35 8.29 -7.29 -2.08
N ALA A 36 9.06 -7.41 -3.16
CA ALA A 36 9.78 -8.65 -3.45
C ALA A 36 11.27 -8.38 -3.62
N GLY A 37 11.82 -7.55 -2.74
CA GLY A 37 13.24 -7.22 -2.83
C GLY A 37 13.62 -6.63 -4.16
N VAL A 38 12.92 -5.58 -4.57
CA VAL A 38 13.19 -4.93 -5.85
C VAL A 38 14.33 -3.93 -5.71
N SER A 39 15.36 -4.30 -4.96
CA SER A 39 16.51 -3.44 -4.74
C SER A 39 17.78 -4.26 -4.58
N GLY A 40 18.86 -3.80 -5.22
CA GLY A 40 20.13 -4.50 -5.14
C GLY A 40 21.30 -3.63 -5.54
N PRO A 41 22.46 -3.83 -4.88
CA PRO A 41 23.67 -3.07 -5.16
C PRO A 41 24.27 -3.43 -6.51
N SER A 42 24.11 -2.53 -7.48
CA SER A 42 24.63 -2.75 -8.83
C SER A 42 25.86 -1.88 -9.07
N SER A 43 26.97 -2.53 -9.40
CA SER A 43 28.22 -1.82 -9.67
C SER A 43 28.53 -1.79 -11.15
N GLY A 44 28.35 -0.62 -11.77
CA GLY A 44 28.62 -0.48 -13.19
C GLY A 44 27.36 -0.19 -13.99
ZN ZN B . 2.82 -2.15 -0.15
N GLY A 1 -0.67 18.82 13.99
CA GLY A 1 -1.73 18.58 13.03
C GLY A 1 -3.10 18.55 13.68
N SER A 2 -4.12 18.95 12.93
CA SER A 2 -5.48 18.98 13.44
C SER A 2 -6.41 18.17 12.55
N SER A 3 -6.57 16.88 12.86
CA SER A 3 -7.43 16.00 12.08
C SER A 3 -8.76 15.77 12.79
N GLY A 4 -9.85 16.12 12.12
CA GLY A 4 -11.17 15.95 12.69
C GLY A 4 -11.97 14.86 12.02
N SER A 5 -12.30 15.08 10.75
CA SER A 5 -13.07 14.11 9.99
C SER A 5 -13.01 14.42 8.49
N SER A 6 -12.77 13.39 7.68
CA SER A 6 -12.69 13.56 6.23
C SER A 6 -13.10 12.28 5.52
N GLY A 7 -13.80 12.43 4.40
CA GLY A 7 -14.23 11.28 3.63
C GLY A 7 -15.37 10.54 4.30
N SER A 8 -16.00 9.63 3.56
CA SER A 8 -17.12 8.86 4.09
C SER A 8 -16.84 7.36 3.98
N GLY A 9 -16.46 6.92 2.79
CA GLY A 9 -16.16 5.52 2.58
C GLY A 9 -14.71 5.18 2.86
N GLU A 10 -14.32 3.95 2.53
CA GLU A 10 -12.95 3.50 2.75
C GLU A 10 -12.51 2.54 1.65
N LYS A 11 -11.22 2.55 1.33
CA LYS A 11 -10.66 1.69 0.30
C LYS A 11 -10.91 0.22 0.64
N PRO A 12 -11.40 -0.54 -0.35
CA PRO A 12 -11.68 -1.97 -0.17
C PRO A 12 -10.41 -2.80 -0.05
N TYR A 13 -9.33 -2.34 -0.68
CA TYR A 13 -8.07 -3.05 -0.63
C TYR A 13 -7.00 -2.20 0.08
N GLU A 14 -6.16 -2.87 0.86
CA GLU A 14 -5.09 -2.18 1.58
C GLU A 14 -3.91 -3.10 1.82
N CYS A 15 -2.81 -2.85 1.10
CA CYS A 15 -1.61 -3.66 1.23
C CYS A 15 -1.42 -4.12 2.67
N ASN A 16 -0.74 -5.25 2.85
CA ASN A 16 -0.49 -5.80 4.18
C ASN A 16 0.95 -5.54 4.60
N GLU A 17 1.87 -5.61 3.64
CA GLU A 17 3.29 -5.39 3.91
C GLU A 17 3.52 -4.01 4.50
N CYS A 18 3.06 -2.99 3.80
CA CYS A 18 3.22 -1.60 4.25
C CYS A 18 1.89 -1.05 4.77
N GLY A 19 0.83 -1.22 3.98
CA GLY A 19 -0.47 -0.73 4.37
C GLY A 19 -1.06 0.23 3.36
N LYS A 20 -0.47 0.27 2.17
CA LYS A 20 -0.93 1.15 1.11
C LYS A 20 -2.43 0.98 0.87
N ALA A 21 -3.03 1.92 0.16
CA ALA A 21 -4.46 1.86 -0.14
C ALA A 21 -4.71 2.04 -1.64
N PHE A 22 -5.67 1.27 -2.16
CA PHE A 22 -6.02 1.34 -3.58
C PHE A 22 -7.50 1.08 -3.78
N ILE A 23 -8.10 1.82 -4.72
CA ILE A 23 -9.52 1.67 -5.01
C ILE A 23 -9.78 0.46 -5.89
N TRP A 24 -8.75 0.03 -6.62
CA TRP A 24 -8.86 -1.12 -7.49
C TRP A 24 -7.96 -2.26 -7.01
N LYS A 25 -8.43 -3.50 -7.17
CA LYS A 25 -7.67 -4.66 -6.76
C LYS A 25 -6.36 -4.77 -7.54
N SER A 26 -6.47 -4.79 -8.86
CA SER A 26 -5.29 -4.89 -9.71
C SER A 26 -4.15 -4.02 -9.18
N LEU A 27 -4.47 -2.76 -8.91
CA LEU A 27 -3.47 -1.82 -8.40
C LEU A 27 -2.72 -2.42 -7.21
N LEU A 28 -3.46 -3.10 -6.34
CA LEU A 28 -2.86 -3.72 -5.16
C LEU A 28 -1.96 -4.88 -5.56
N ILE A 29 -2.31 -5.56 -6.64
CA ILE A 29 -1.52 -6.69 -7.13
C ILE A 29 -0.19 -6.22 -7.70
N VAL A 30 -0.22 -5.19 -8.54
CA VAL A 30 0.98 -4.64 -9.15
C VAL A 30 1.89 -4.01 -8.09
N HIS A 31 1.33 -3.73 -6.93
CA HIS A 31 2.09 -3.13 -5.84
C HIS A 31 2.66 -4.20 -4.91
N GLU A 32 1.81 -5.15 -4.52
CA GLU A 32 2.21 -6.23 -3.64
C GLU A 32 3.56 -6.81 -4.07
N ARG A 33 3.81 -6.77 -5.38
CA ARG A 33 5.06 -7.29 -5.94
C ARG A 33 6.21 -6.32 -5.69
N THR A 34 5.93 -5.03 -5.81
CA THR A 34 6.93 -4.00 -5.60
C THR A 34 7.82 -4.33 -4.40
N HIS A 35 7.23 -4.98 -3.41
CA HIS A 35 7.97 -5.36 -2.20
C HIS A 35 8.98 -6.46 -2.50
N ALA A 36 8.51 -7.51 -3.17
CA ALA A 36 9.36 -8.64 -3.52
C ALA A 36 10.75 -8.16 -3.93
N GLY A 37 11.73 -8.35 -3.04
CA GLY A 37 13.08 -7.93 -3.33
C GLY A 37 13.56 -6.83 -2.40
N VAL A 38 13.10 -5.60 -2.65
CA VAL A 38 13.48 -4.46 -1.84
C VAL A 38 12.62 -4.36 -0.59
N SER A 39 12.31 -5.50 0.01
CA SER A 39 11.48 -5.55 1.21
C SER A 39 12.24 -5.02 2.42
N GLY A 40 11.90 -3.81 2.85
CA GLY A 40 12.57 -3.21 4.00
C GLY A 40 13.98 -2.77 3.67
N PRO A 41 14.41 -1.66 4.28
CA PRO A 41 15.76 -1.11 4.08
C PRO A 41 16.83 -1.99 4.70
N SER A 42 18.07 -1.83 4.21
CA SER A 42 19.19 -2.61 4.71
C SER A 42 19.49 -2.26 6.16
N SER A 43 20.10 -3.19 6.88
CA SER A 43 20.44 -2.98 8.29
C SER A 43 21.51 -3.97 8.73
N GLY A 44 22.09 -3.70 9.90
CA GLY A 44 23.13 -4.57 10.43
C GLY A 44 24.01 -3.88 11.45
ZN ZN B . 2.95 -2.41 0.15
N GLY A 1 -25.58 25.64 10.25
CA GLY A 1 -26.26 24.60 9.51
C GLY A 1 -25.55 23.26 9.61
N SER A 2 -24.72 22.96 8.61
CA SER A 2 -23.98 21.71 8.59
C SER A 2 -22.87 21.75 7.53
N SER A 3 -21.66 21.38 7.94
CA SER A 3 -20.52 21.37 7.03
C SER A 3 -19.69 20.12 7.23
N GLY A 4 -19.32 19.48 6.12
CA GLY A 4 -18.52 18.27 6.19
C GLY A 4 -17.57 18.14 5.00
N SER A 5 -16.34 17.71 5.28
CA SER A 5 -15.35 17.54 4.23
C SER A 5 -15.80 16.52 3.19
N SER A 6 -15.40 16.74 1.95
CA SER A 6 -15.78 15.84 0.86
C SER A 6 -14.85 14.63 0.80
N GLY A 7 -15.40 13.45 1.09
CA GLY A 7 -14.61 12.25 1.07
C GLY A 7 -15.45 11.01 0.79
N SER A 8 -14.79 9.89 0.49
CA SER A 8 -15.48 8.65 0.20
C SER A 8 -15.04 7.55 1.17
N GLY A 9 -15.89 6.54 1.34
CA GLY A 9 -15.57 5.45 2.23
C GLY A 9 -14.17 4.93 2.03
N GLU A 10 -13.61 4.31 3.07
CA GLU A 10 -12.26 3.77 3.00
C GLU A 10 -12.12 2.81 1.82
N LYS A 11 -10.90 2.68 1.32
CA LYS A 11 -10.63 1.80 0.19
C LYS A 11 -10.91 0.34 0.56
N PRO A 12 -11.44 -0.41 -0.41
CA PRO A 12 -11.78 -1.83 -0.21
C PRO A 12 -10.53 -2.71 -0.08
N TYR A 13 -9.43 -2.25 -0.68
CA TYR A 13 -8.17 -2.98 -0.63
C TYR A 13 -7.09 -2.17 0.07
N GLU A 14 -6.22 -2.86 0.80
CA GLU A 14 -5.14 -2.21 1.52
C GLU A 14 -3.93 -3.14 1.66
N CYS A 15 -2.84 -2.78 0.99
CA CYS A 15 -1.62 -3.58 1.03
C CYS A 15 -1.37 -4.13 2.44
N ASN A 16 -0.67 -5.25 2.52
CA ASN A 16 -0.37 -5.86 3.80
C ASN A 16 1.09 -5.62 4.19
N GLU A 17 1.97 -5.59 3.19
CA GLU A 17 3.39 -5.36 3.44
C GLU A 17 3.62 -4.01 4.10
N CYS A 18 3.06 -2.96 3.50
CA CYS A 18 3.20 -1.61 4.01
C CYS A 18 1.90 -1.13 4.63
N GLY A 19 0.81 -1.28 3.88
CA GLY A 19 -0.50 -0.85 4.38
C GLY A 19 -1.15 0.17 3.46
N LYS A 20 -0.60 0.33 2.27
CA LYS A 20 -1.14 1.27 1.29
C LYS A 20 -2.62 0.98 1.02
N ALA A 21 -3.26 1.88 0.28
CA ALA A 21 -4.67 1.72 -0.05
C ALA A 21 -4.91 1.97 -1.54
N PHE A 22 -5.68 1.09 -2.17
CA PHE A 22 -5.99 1.21 -3.59
C PHE A 22 -7.47 0.97 -3.84
N ILE A 23 -8.07 1.86 -4.62
CA ILE A 23 -9.50 1.75 -4.95
C ILE A 23 -9.77 0.52 -5.81
N TRP A 24 -8.75 0.09 -6.55
CA TRP A 24 -8.87 -1.07 -7.42
C TRP A 24 -7.98 -2.20 -6.95
N LYS A 25 -8.46 -3.44 -7.11
CA LYS A 25 -7.70 -4.62 -6.69
C LYS A 25 -6.38 -4.71 -7.45
N SER A 26 -6.47 -4.80 -8.77
CA SER A 26 -5.28 -4.89 -9.61
C SER A 26 -4.16 -4.00 -9.07
N LEU A 27 -4.48 -2.73 -8.85
CA LEU A 27 -3.50 -1.79 -8.33
C LEU A 27 -2.75 -2.37 -7.15
N LEU A 28 -3.46 -3.06 -6.27
CA LEU A 28 -2.85 -3.69 -5.10
C LEU A 28 -1.94 -4.84 -5.50
N ILE A 29 -2.35 -5.57 -6.53
CA ILE A 29 -1.56 -6.71 -7.02
C ILE A 29 -0.22 -6.25 -7.56
N VAL A 30 -0.26 -5.39 -8.58
CA VAL A 30 0.96 -4.88 -9.19
C VAL A 30 1.81 -4.11 -8.18
N HIS A 31 1.24 -3.88 -6.99
CA HIS A 31 1.94 -3.17 -5.94
C HIS A 31 2.61 -4.14 -4.97
N GLU A 32 1.80 -4.94 -4.28
CA GLU A 32 2.31 -5.91 -3.34
C GLU A 32 3.62 -6.52 -3.84
N ARG A 33 3.69 -6.78 -5.14
CA ARG A 33 4.88 -7.36 -5.74
C ARG A 33 6.10 -6.50 -5.48
N THR A 34 5.95 -5.19 -5.67
CA THR A 34 7.05 -4.25 -5.45
C THR A 34 7.82 -4.59 -4.18
N HIS A 35 7.16 -5.29 -3.27
CA HIS A 35 7.79 -5.67 -2.01
C HIS A 35 8.60 -6.96 -2.19
N ALA A 36 9.29 -7.07 -3.31
CA ALA A 36 10.10 -8.24 -3.60
C ALA A 36 11.50 -7.84 -4.06
N GLY A 37 12.38 -7.53 -3.11
CA GLY A 37 13.73 -7.13 -3.44
C GLY A 37 14.46 -6.52 -2.26
N VAL A 38 13.78 -5.62 -1.55
CA VAL A 38 14.38 -4.95 -0.39
C VAL A 38 15.26 -5.91 0.39
N SER A 39 16.56 -5.63 0.43
CA SER A 39 17.51 -6.47 1.15
C SER A 39 16.92 -6.91 2.49
N GLY A 40 17.16 -8.18 2.84
CA GLY A 40 16.66 -8.70 4.09
C GLY A 40 17.69 -8.66 5.20
N PRO A 41 17.23 -8.43 6.44
CA PRO A 41 18.12 -8.37 7.61
C PRO A 41 18.70 -9.73 7.97
N SER A 42 19.85 -9.71 8.65
CA SER A 42 20.51 -10.95 9.06
C SER A 42 20.30 -12.04 8.02
N SER A 43 20.50 -11.69 6.75
CA SER A 43 20.35 -12.63 5.66
C SER A 43 21.49 -13.64 5.63
N GLY A 44 21.16 -14.91 5.81
CA GLY A 44 22.17 -15.95 5.81
C GLY A 44 22.82 -16.13 4.45
ZN ZN B . 2.88 -2.30 -0.09
#